data_5FVD
#
_entry.id   5FVD
#
_cell.length_a   40.930
_cell.length_b   62.780
_cell.length_c   86.710
_cell.angle_alpha   90.97
_cell.angle_beta   96.38
_cell.angle_gamma   108.98
#
_symmetry.space_group_name_H-M   'P 1'
#
loop_
_entity.id
_entity.type
_entity.pdbx_description
1 polymer NUCLEOCAPSID
2 polymer PHOSPHOPROTEIN
3 non-polymer 'CHLORIDE ION'
4 water water
#
loop_
_entity_poly.entity_id
_entity_poly.type
_entity_poly.pdbx_seq_one_letter_code
_entity_poly.pdbx_strand_id
1 'polypeptide(L)'
;MSLQGIHLSDLSYKHAILKESQYTIKRDVGTTTAVTPSSLQQEITLLCGEILYAKHADYKYAAEIGIQYISTALGSERVQ
QILRNSGSEVQVVLTRTYSLGKIKNNKGEDLQMLDIHGVEKSWVEEIDKEARKTMATLLKESSGNIPQNQRPSAPDTPII
LLCVGALIFTKLASTIEVGLETTVRRANRVLSDALKRYPRMDIPKIARSFYDLFEQKVYHRSLFIEYGKALGSSSTGSKA
ESLFVNIFMQAYGAGQTMLRWGVIARSSNNIMLGHVSVQAELKQVTEVYDLVREMGPESGLLHLRQSPKAGLLSLANCPN
FASVVLGNASGLGIIGMYRGRVPNTELFSAAESYAKSLKESNKINFSSLGLTDEEKEAAEHFLNVSDDSQNDYE
;
A,C
2 'polypeptide(L)' MSFPEGKDILFMGNEAAKLAEAFQKSLRKPGHKRSQSIIGKHHHHHH B,D
#
# COMPACT_ATOMS: atom_id res chain seq x y z
N GLY A 30 29.04 -20.67 22.64
CA GLY A 30 27.77 -20.06 22.29
C GLY A 30 27.73 -18.59 22.61
N THR A 31 26.54 -17.99 22.55
CA THR A 31 26.42 -16.55 22.78
C THR A 31 26.20 -16.28 24.28
N THR A 32 26.58 -15.09 24.72
CA THR A 32 26.50 -14.72 26.13
C THR A 32 25.95 -13.32 26.28
N THR A 33 25.40 -13.01 27.44
CA THR A 33 24.87 -11.66 27.71
C THR A 33 24.96 -11.38 29.20
N ALA A 34 24.98 -10.09 29.56
CA ALA A 34 25.12 -9.67 30.95
C ALA A 34 23.84 -9.82 31.77
N VAL A 35 24.00 -10.31 33.00
CA VAL A 35 23.02 -10.08 34.05
C VAL A 35 23.75 -9.49 35.23
N THR A 36 23.01 -8.90 36.14
CA THR A 36 23.60 -8.24 37.29
C THR A 36 22.90 -8.75 38.54
N PRO A 37 23.68 -9.20 39.52
CA PRO A 37 23.06 -9.76 40.73
C PRO A 37 22.31 -8.69 41.51
N SER A 38 21.27 -9.12 42.22
CA SER A 38 20.46 -8.22 43.03
C SER A 38 21.28 -7.47 44.07
N SER A 39 22.40 -8.08 44.52
CA SER A 39 23.32 -7.40 45.44
C SER A 39 23.92 -6.10 44.91
N LEU A 40 23.84 -5.87 43.60
CA LEU A 40 24.41 -4.64 43.02
C LEU A 40 23.31 -3.70 42.52
N GLN A 41 22.12 -3.81 43.09
CA GLN A 41 20.97 -2.99 42.69
C GLN A 41 21.27 -1.50 42.87
N GLN A 42 21.89 -1.14 43.99
CA GLN A 42 22.17 0.27 44.23
C GLN A 42 23.19 0.80 43.23
N GLU A 43 24.19 0.00 42.91
CA GLU A 43 25.22 0.43 41.99
C GLU A 43 24.68 0.59 40.56
N ILE A 44 23.80 -0.31 40.12
CA ILE A 44 23.27 -0.18 38.74
C ILE A 44 22.27 0.99 38.69
N THR A 45 21.58 1.22 39.80
CA THR A 45 20.69 2.37 39.93
C THR A 45 21.50 3.64 39.68
N LEU A 46 22.65 3.75 40.33
CA LEU A 46 23.51 4.92 40.16
C LEU A 46 23.96 5.07 38.72
N LEU A 47 24.25 3.96 38.06
CA LEU A 47 24.75 4.06 36.70
C LEU A 47 23.64 4.54 35.76
N CYS A 48 22.42 4.06 35.97
CA CYS A 48 21.26 4.57 35.22
C CYS A 48 21.12 6.08 35.41
N GLY A 49 21.18 6.52 36.65
CA GLY A 49 21.08 7.95 36.95
C GLY A 49 22.17 8.75 36.28
N GLU A 50 23.37 8.18 36.24
CA GLU A 50 24.47 8.89 35.63
C GLU A 50 24.25 9.10 34.13
N ILE A 51 23.53 8.17 33.50
CA ILE A 51 23.22 8.30 32.07
C ILE A 51 22.30 9.51 31.83
N LEU A 52 21.28 9.67 32.68
CA LEU A 52 20.33 10.78 32.62
C LEU A 52 20.93 12.11 33.03
N TYR A 53 21.89 12.05 33.95
CA TYR A 53 22.29 13.23 34.70
C TYR A 53 23.22 14.15 33.90
N ALA A 54 23.95 13.58 32.96
CA ALA A 54 24.93 14.38 32.22
C ALA A 54 24.73 14.28 30.73
N LYS A 55 25.26 15.27 30.02
CA LYS A 55 25.29 15.28 28.57
C LYS A 55 26.46 14.39 28.09
N HIS A 56 26.17 13.19 27.61
CA HIS A 56 27.21 12.24 27.19
C HIS A 56 27.38 12.24 25.68
N ALA A 57 28.56 11.87 25.21
CA ALA A 57 28.81 11.77 23.78
C ALA A 57 28.17 10.52 23.18
N ASP A 58 28.18 9.43 23.93
CA ASP A 58 27.81 8.13 23.37
C ASP A 58 26.87 7.39 24.30
N TYR A 59 25.70 7.00 23.81
CA TYR A 59 24.73 6.29 24.65
C TYR A 59 24.56 4.83 24.25
N LYS A 60 25.56 4.27 23.56
CA LYS A 60 25.41 2.95 22.94
C LYS A 60 24.84 1.89 23.87
N TYR A 61 25.38 1.82 25.09
CA TYR A 61 24.97 0.76 26.00
C TYR A 61 23.93 1.21 27.04
N ALA A 62 23.33 2.38 26.86
CA ALA A 62 22.31 2.85 27.83
C ALA A 62 21.18 1.83 28.02
N ALA A 63 20.72 1.24 26.92
CA ALA A 63 19.63 0.28 26.98
C ALA A 63 20.05 -0.95 27.75
N GLU A 64 21.29 -1.39 27.54
CA GLU A 64 21.81 -2.55 28.28
C GLU A 64 21.87 -2.27 29.79
N ILE A 65 22.17 -1.03 30.18
CA ILE A 65 22.19 -0.70 31.61
C ILE A 65 20.77 -0.80 32.20
N GLY A 66 19.78 -0.36 31.44
CA GLY A 66 18.37 -0.49 31.83
C GLY A 66 18.00 -1.96 32.08
N ILE A 67 18.39 -2.81 31.12
CA ILE A 67 18.22 -4.25 31.23
C ILE A 67 18.93 -4.80 32.48
N GLN A 68 20.12 -4.28 32.78
CA GLN A 68 20.80 -4.72 33.98
C GLN A 68 19.95 -4.41 35.20
N TYR A 69 19.27 -3.27 35.23
CA TYR A 69 18.43 -2.99 36.40
C TYR A 69 17.29 -4.01 36.49
N ILE A 70 16.68 -4.31 35.36
CA ILE A 70 15.63 -5.32 35.32
C ILE A 70 16.14 -6.64 35.92
N SER A 71 17.37 -7.00 35.59
CA SER A 71 17.92 -8.26 36.08
C SER A 71 18.07 -8.23 37.61
N THR A 72 18.43 -7.09 38.20
CA THR A 72 18.48 -7.01 39.66
C THR A 72 17.08 -7.09 40.25
N ALA A 73 16.09 -6.59 39.52
CA ALA A 73 14.72 -6.64 39.99
C ALA A 73 14.17 -8.06 39.98
N LEU A 74 14.46 -8.80 38.93
CA LEU A 74 13.88 -10.13 38.78
C LEU A 74 14.78 -11.21 39.35
N GLY A 75 16.08 -10.94 39.42
CA GLY A 75 17.02 -11.94 39.88
C GLY A 75 17.74 -12.55 38.70
N SER A 76 19.06 -12.71 38.82
CA SER A 76 19.85 -13.09 37.66
C SER A 76 19.51 -14.51 37.18
N GLU A 77 19.20 -15.42 38.09
CA GLU A 77 18.92 -16.80 37.69
C GLU A 77 17.53 -16.92 37.05
N ARG A 78 16.59 -16.12 37.54
CA ARG A 78 15.28 -16.05 36.90
C ARG A 78 15.43 -15.48 35.48
N VAL A 79 16.38 -14.56 35.25
CA VAL A 79 16.58 -14.03 33.90
C VAL A 79 17.03 -15.16 32.97
N GLN A 80 17.99 -15.96 33.43
CA GLN A 80 18.46 -17.09 32.63
C GLN A 80 17.29 -18.00 32.24
N GLN A 81 16.40 -18.28 33.19
CA GLN A 81 15.21 -19.08 32.90
C GLN A 81 14.37 -18.46 31.80
N ILE A 82 14.10 -17.17 31.95
CA ILE A 82 13.26 -16.44 31.00
C ILE A 82 13.86 -16.50 29.60
N LEU A 83 15.17 -16.27 29.49
CA LEU A 83 15.80 -16.27 28.18
C LEU A 83 15.70 -17.65 27.54
N ARG A 84 15.98 -18.67 28.34
CA ARG A 84 15.93 -20.06 27.93
C ARG A 84 14.54 -20.39 27.39
N ASN A 85 13.53 -19.96 28.14
CA ASN A 85 12.13 -20.23 27.79
C ASN A 85 11.67 -19.46 26.57
N SER A 86 12.35 -18.36 26.24
CA SER A 86 11.99 -17.59 25.06
C SER A 86 12.51 -18.30 23.81
N GLY A 87 13.29 -19.36 24.01
CA GLY A 87 13.82 -20.14 22.92
C GLY A 87 15.28 -19.83 22.63
N SER A 88 15.93 -19.12 23.54
CA SER A 88 17.30 -18.70 23.33
C SER A 88 18.25 -19.55 24.14
N GLU A 89 19.39 -19.87 23.56
CA GLU A 89 20.40 -20.63 24.30
C GLU A 89 21.48 -19.70 24.87
N VAL A 90 21.20 -18.40 24.91
CA VAL A 90 22.16 -17.44 25.44
C VAL A 90 22.44 -17.73 26.92
N GLN A 91 23.71 -17.65 27.28
CA GLN A 91 24.13 -17.89 28.65
C GLN A 91 24.43 -16.57 29.34
N VAL A 92 23.87 -16.38 30.54
CA VAL A 92 24.05 -15.13 31.27
C VAL A 92 25.42 -15.09 31.98
N VAL A 93 26.00 -13.91 32.06
CA VAL A 93 27.29 -13.72 32.71
C VAL A 93 27.14 -12.60 33.74
N LEU A 94 27.51 -12.89 34.99
CA LEU A 94 27.26 -11.96 36.08
C LEU A 94 28.19 -10.75 36.09
N THR A 95 27.61 -9.60 36.40
CA THR A 95 28.37 -8.37 36.63
C THR A 95 29.23 -8.46 37.88
N ARG A 96 30.44 -7.93 37.80
CA ARG A 96 31.35 -7.88 38.94
C ARG A 96 31.77 -6.43 39.22
N THR A 97 32.51 -6.21 40.31
CA THR A 97 32.99 -4.87 40.63
C THR A 97 34.51 -4.79 40.59
N TYR A 98 35.05 -3.60 40.38
CA TYR A 98 36.49 -3.38 40.48
C TYR A 98 36.73 -1.93 40.89
N SER A 99 37.95 -1.61 41.29
CA SER A 99 38.25 -0.23 41.66
C SER A 99 39.38 0.31 40.78
N LEU A 100 39.35 1.60 40.50
CA LEU A 100 40.35 2.22 39.63
C LEU A 100 41.61 2.58 40.41
N GLN A 112 34.79 2.68 42.84
CA GLN A 112 34.12 1.40 42.58
C GLN A 112 33.31 1.39 41.29
N MET A 113 33.69 0.51 40.36
CA MET A 113 33.05 0.44 39.05
C MET A 113 32.36 -0.91 38.83
N LEU A 114 31.37 -0.93 37.93
CA LEU A 114 30.74 -2.19 37.53
C LEU A 114 31.42 -2.72 36.27
N ASP A 115 31.77 -4.01 36.28
CA ASP A 115 32.31 -4.71 35.14
C ASP A 115 31.16 -5.50 34.53
N ILE A 116 30.58 -4.96 33.47
CA ILE A 116 29.38 -5.54 32.87
C ILE A 116 29.74 -6.28 31.57
N HIS A 117 29.50 -7.60 31.54
CA HIS A 117 29.85 -8.44 30.39
C HIS A 117 29.29 -7.88 29.08
N GLY A 118 30.14 -7.74 28.07
CA GLY A 118 29.71 -7.23 26.78
C GLY A 118 29.57 -5.72 26.69
N VAL A 119 29.82 -5.03 27.81
CA VAL A 119 29.82 -3.56 27.82
C VAL A 119 31.26 -3.08 28.04
N GLU A 120 31.82 -2.35 27.08
CA GLU A 120 33.20 -1.87 27.17
C GLU A 120 33.45 -1.13 28.48
N LYS A 121 34.53 -1.46 29.18
CA LYS A 121 34.84 -0.78 30.43
C LYS A 121 35.02 0.72 30.22
N SER A 122 35.64 1.09 29.08
CA SER A 122 35.88 2.51 28.75
C SER A 122 34.58 3.30 28.69
N TRP A 123 33.52 2.65 28.22
CA TRP A 123 32.20 3.29 28.18
C TRP A 123 31.66 3.56 29.59
N VAL A 124 31.63 2.53 30.42
CA VAL A 124 31.12 2.66 31.80
C VAL A 124 31.95 3.70 32.56
N GLU A 125 33.27 3.62 32.43
CA GLU A 125 34.13 4.55 33.13
C GLU A 125 33.93 6.00 32.64
N GLU A 126 33.70 6.18 31.34
CA GLU A 126 33.47 7.50 30.78
C GLU A 126 32.10 8.10 31.18
N ILE A 127 31.06 7.27 31.24
CA ILE A 127 29.75 7.72 31.72
C ILE A 127 29.90 8.22 33.16
N ASP A 128 30.57 7.41 33.98
CA ASP A 128 30.76 7.74 35.38
C ASP A 128 31.60 9.00 35.52
N LYS A 129 32.69 9.10 34.76
CA LYS A 129 33.56 10.26 34.87
C LYS A 129 32.81 11.54 34.51
N GLU A 130 32.09 11.50 33.41
CA GLU A 130 31.39 12.69 32.96
C GLU A 130 30.29 13.07 33.95
N ALA A 131 29.57 12.09 34.48
CA ALA A 131 28.55 12.37 35.48
C ALA A 131 29.14 12.99 36.75
N ARG A 132 30.25 12.43 37.21
CA ARG A 132 30.88 12.90 38.45
C ARG A 132 31.44 14.31 38.29
N LYS A 133 32.03 14.57 37.12
CA LYS A 133 32.53 15.91 36.79
C LYS A 133 31.39 16.91 36.78
N THR A 134 30.29 16.54 36.13
CA THR A 134 29.12 17.41 36.10
C THR A 134 28.58 17.65 37.51
N MET A 135 28.45 16.57 38.28
CA MET A 135 27.98 16.72 39.67
C MET A 135 28.88 17.62 40.52
N ALA A 136 30.20 17.45 40.42
CA ALA A 136 31.12 18.28 41.18
C ALA A 136 30.89 19.77 40.85
N THR A 137 30.80 20.05 39.56
CA THR A 137 30.59 21.42 39.10
C THR A 137 29.25 21.97 39.60
N LEU A 138 28.16 21.23 39.40
CA LEU A 138 26.84 21.72 39.82
C LEU A 138 26.71 21.80 41.35
N LEU A 139 27.30 20.83 42.04
CA LEU A 139 27.23 20.83 43.50
C LEU A 139 27.86 22.10 44.03
N LYS A 140 29.01 22.45 43.48
CA LYS A 140 29.70 23.66 43.94
C LYS A 140 28.89 24.92 43.63
N GLU A 141 28.28 24.98 42.46
CA GLU A 141 27.50 26.16 42.09
C GLU A 141 26.28 26.33 43.02
N SER A 142 25.80 25.22 43.57
CA SER A 142 24.63 25.25 44.46
C SER A 142 25.04 25.15 45.91
N SER A 143 26.32 25.37 46.17
CA SER A 143 26.87 25.40 47.54
C SER A 143 26.57 24.10 48.31
N GLY A 144 26.57 22.97 47.61
CA GLY A 144 26.36 21.67 48.24
C GLY A 144 24.90 21.29 48.48
N ASN A 145 23.99 22.14 48.01
CA ASN A 145 22.56 21.98 48.25
C ASN A 145 21.82 21.63 46.95
N ILE A 146 21.71 20.34 46.63
CA ILE A 146 20.96 19.85 45.48
C ILE A 146 19.97 18.77 45.95
N PRO A 147 18.68 18.96 45.65
CA PRO A 147 17.65 18.00 46.09
C PRO A 147 17.93 16.61 45.55
N GLN A 148 17.60 15.60 46.35
CA GLN A 148 17.77 14.21 45.96
C GLN A 148 17.20 13.89 44.57
N ASN A 149 16.02 14.41 44.25
CA ASN A 149 15.38 13.99 43.01
C ASN A 149 16.00 14.63 41.75
N GLN A 150 17.09 15.39 41.93
CA GLN A 150 17.87 15.91 40.79
C GLN A 150 19.21 15.19 40.62
N ARG A 151 19.49 14.27 41.54
CA ARG A 151 20.76 13.54 41.57
C ARG A 151 20.67 12.21 40.83
N PRO A 152 21.82 11.72 40.37
CA PRO A 152 21.83 10.42 39.69
C PRO A 152 21.47 9.24 40.60
N SER A 153 21.57 9.39 41.93
CA SER A 153 21.23 8.31 42.84
C SER A 153 19.72 8.19 43.13
N ALA A 154 18.89 9.10 42.61
CA ALA A 154 17.45 9.02 42.85
C ALA A 154 16.97 7.64 42.40
N PRO A 155 16.20 6.95 43.25
CA PRO A 155 15.84 5.55 43.02
C PRO A 155 14.96 5.34 41.78
N ASP A 156 14.30 6.39 41.29
CA ASP A 156 13.50 6.19 40.09
C ASP A 156 14.26 6.46 38.78
N THR A 157 15.57 6.73 38.84
CA THR A 157 16.28 6.94 37.58
C THR A 157 16.29 5.69 36.68
N PRO A 158 16.42 4.46 37.24
CA PRO A 158 16.29 3.32 36.32
C PRO A 158 14.90 3.22 35.71
N ILE A 159 13.88 3.57 36.49
CA ILE A 159 12.50 3.47 35.97
C ILE A 159 12.30 4.51 34.86
N ILE A 160 12.82 5.72 35.08
CA ILE A 160 12.75 6.77 34.06
C ILE A 160 13.43 6.31 32.77
N LEU A 161 14.64 5.82 32.91
CA LEU A 161 15.38 5.26 31.77
C LEU A 161 14.56 4.19 31.04
N LEU A 162 13.94 3.32 31.83
CA LEU A 162 13.17 2.22 31.27
C LEU A 162 11.85 2.71 30.65
N CYS A 163 11.36 3.88 31.04
CA CYS A 163 10.18 4.45 30.39
C CYS A 163 10.51 4.80 28.94
N VAL A 164 11.71 5.28 28.69
CA VAL A 164 12.11 5.51 27.30
C VAL A 164 12.09 4.16 26.60
N GLY A 165 12.67 3.15 27.24
CA GLY A 165 12.68 1.79 26.69
C GLY A 165 11.28 1.26 26.45
N ALA A 166 10.37 1.57 27.37
CA ALA A 166 8.97 1.13 27.24
C ALA A 166 8.27 1.71 26.01
N LEU A 167 8.58 2.96 25.68
CA LEU A 167 7.98 3.60 24.51
C LEU A 167 8.48 2.97 23.22
N ILE A 168 9.76 2.64 23.19
CA ILE A 168 10.36 1.92 22.07
C ILE A 168 9.78 0.48 21.96
N PHE A 169 9.61 -0.15 23.09
CA PHE A 169 8.98 -1.47 23.17
C PHE A 169 7.54 -1.45 22.63
N THR A 170 6.75 -0.46 23.01
CA THR A 170 5.39 -0.45 22.49
C THR A 170 5.35 -0.04 21.00
N LYS A 171 6.32 0.78 20.57
CA LYS A 171 6.49 1.04 19.13
C LYS A 171 6.72 -0.28 18.38
N LEU A 172 7.63 -1.08 18.91
CA LEU A 172 7.95 -2.39 18.35
C LEU A 172 6.75 -3.36 18.36
N ALA A 173 5.93 -3.30 19.40
CA ALA A 173 4.77 -4.22 19.51
C ALA A 173 3.69 -3.97 18.43
N SER A 174 3.67 -2.76 17.89
CA SER A 174 2.59 -2.38 16.99
C SER A 174 2.76 -2.97 15.61
N THR A 175 1.65 -3.36 15.00
CA THR A 175 1.67 -3.83 13.62
C THR A 175 1.62 -2.65 12.66
N ILE A 176 1.51 -1.45 13.21
CA ILE A 176 1.51 -0.23 12.42
C ILE A 176 2.88 0.45 12.53
N GLU A 177 3.56 0.59 11.39
CA GLU A 177 4.91 1.18 11.36
C GLU A 177 4.87 2.67 11.63
N VAL A 178 5.73 3.15 12.55
CA VAL A 178 5.93 4.58 12.74
C VAL A 178 7.43 4.86 12.80
N GLY A 179 7.83 6.07 12.43
CA GLY A 179 9.23 6.44 12.46
C GLY A 179 9.71 6.63 13.88
N LEU A 180 11.00 6.41 14.11
CA LEU A 180 11.58 6.57 15.43
C LEU A 180 11.42 8.01 15.93
N GLU A 181 11.48 8.96 15.01
CA GLU A 181 11.40 10.36 15.42
C GLU A 181 10.02 10.67 15.98
N THR A 182 9.00 10.02 15.44
CA THR A 182 7.65 10.16 15.97
C THR A 182 7.60 9.72 17.42
N THR A 183 8.19 8.57 17.70
CA THR A 183 8.20 8.04 19.05
C THR A 183 9.01 8.94 19.98
N VAL A 184 10.09 9.52 19.45
CA VAL A 184 10.92 10.42 20.25
C VAL A 184 10.10 11.65 20.67
N ARG A 185 9.32 12.19 19.74
CA ARG A 185 8.46 13.34 20.03
C ARG A 185 7.49 13.01 21.15
N ARG A 186 6.93 11.80 21.11
CA ARG A 186 6.04 11.31 22.17
C ARG A 186 6.75 11.18 23.52
N ALA A 187 7.99 10.69 23.49
CA ALA A 187 8.78 10.58 24.71
C ALA A 187 8.98 11.95 25.34
N ASN A 188 9.18 12.98 24.51
CA ASN A 188 9.40 14.33 25.02
C ASN A 188 8.19 14.85 25.81
N ARG A 189 6.99 14.55 25.35
CA ARG A 189 5.80 14.98 26.08
C ARG A 189 5.59 14.13 27.33
N VAL A 190 5.67 12.82 27.16
CA VAL A 190 5.42 11.86 28.23
C VAL A 190 6.38 12.08 29.41
N LEU A 191 7.64 12.35 29.10
CA LEU A 191 8.66 12.51 30.12
C LEU A 191 9.00 13.97 30.38
N SER A 192 8.02 14.86 30.18
CA SER A 192 8.25 16.28 30.39
C SER A 192 8.65 16.58 31.84
N ASP A 193 8.01 15.91 32.78
CA ASP A 193 8.34 16.10 34.20
C ASP A 193 9.75 15.56 34.54
N ALA A 194 10.12 14.43 33.95
CA ALA A 194 11.47 13.92 34.17
C ALA A 194 12.52 14.89 33.61
N LEU A 195 12.20 15.51 32.47
CA LEU A 195 13.10 16.46 31.83
C LEU A 195 13.36 17.71 32.67
N LYS A 196 12.40 18.11 33.50
CA LYS A 196 12.61 19.21 34.42
C LYS A 196 13.63 18.84 35.52
N ARG A 197 13.56 17.60 36.00
CA ARG A 197 14.52 17.13 36.99
C ARG A 197 15.89 16.86 36.36
N TYR A 198 15.87 16.31 35.15
CA TYR A 198 17.09 15.91 34.43
C TYR A 198 17.20 16.59 33.06
N PRO A 199 17.55 17.87 33.05
CA PRO A 199 17.49 18.65 31.81
C PRO A 199 18.61 18.34 30.80
N ARG A 200 19.54 17.47 31.19
CA ARG A 200 20.59 16.99 30.30
C ARG A 200 20.29 15.59 29.76
N MET A 201 19.10 15.08 30.07
CA MET A 201 18.71 13.75 29.58
C MET A 201 18.59 13.80 28.06
N ASP A 202 19.28 12.89 27.37
CA ASP A 202 19.24 12.88 25.91
C ASP A 202 18.29 11.81 25.42
N ILE A 203 17.03 12.18 25.29
CA ILE A 203 16.01 11.19 24.95
C ILE A 203 16.25 10.54 23.58
N PRO A 204 16.56 11.33 22.52
CA PRO A 204 16.72 10.67 21.22
C PRO A 204 17.83 9.61 21.19
N LYS A 205 18.95 9.90 21.86
CA LYS A 205 20.04 8.93 21.86
C LYS A 205 19.75 7.75 22.77
N ILE A 206 19.06 7.99 23.89
CA ILE A 206 18.65 6.88 24.76
C ILE A 206 17.64 6.01 24.03
N ALA A 207 16.71 6.66 23.33
CA ALA A 207 15.70 5.95 22.52
C ALA A 207 16.35 5.05 21.46
N ARG A 208 17.33 5.59 20.75
CA ARG A 208 18.04 4.83 19.73
C ARG A 208 18.75 3.61 20.34
N SER A 209 19.29 3.78 21.54
CA SER A 209 19.95 2.68 22.20
C SER A 209 18.97 1.52 22.44
N PHE A 210 17.77 1.82 22.94
CA PHE A 210 16.77 0.76 23.14
C PHE A 210 16.28 0.17 21.84
N TYR A 211 16.09 1.03 20.85
CA TYR A 211 15.71 0.56 19.52
C TYR A 211 16.70 -0.50 19.01
N ASP A 212 18.00 -0.19 19.07
CA ASP A 212 19.04 -1.12 18.63
C ASP A 212 19.11 -2.40 19.44
N LEU A 213 18.95 -2.29 20.75
CA LEU A 213 19.00 -3.46 21.63
C LEU A 213 17.89 -4.47 21.32
N PHE A 214 16.67 -3.98 21.15
CA PHE A 214 15.53 -4.88 20.83
C PHE A 214 15.64 -5.48 19.43
N GLU A 215 16.35 -4.80 18.54
CA GLU A 215 16.58 -5.38 17.22
C GLU A 215 17.66 -6.45 17.28
N GLN A 216 18.67 -6.23 18.11
CA GLN A 216 19.86 -7.07 18.09
C GLN A 216 19.76 -8.23 19.08
N LYS A 217 19.14 -7.97 20.23
CA LYS A 217 18.96 -9.00 21.25
C LYS A 217 17.48 -9.29 21.42
N VAL A 218 16.94 -10.12 20.55
CA VAL A 218 15.50 -10.33 20.49
C VAL A 218 14.99 -10.94 21.79
N TYR A 219 15.81 -11.77 22.44
CA TYR A 219 15.41 -12.39 23.71
C TYR A 219 15.13 -11.36 24.81
N HIS A 220 15.70 -10.17 24.71
CA HIS A 220 15.43 -9.14 25.72
C HIS A 220 14.04 -8.51 25.58
N ARG A 221 13.34 -8.80 24.47
CA ARG A 221 11.93 -8.45 24.38
C ARG A 221 11.12 -9.29 25.37
N SER A 222 11.47 -10.57 25.48
CA SER A 222 10.81 -11.47 26.43
C SER A 222 11.12 -11.09 27.88
N LEU A 223 12.35 -10.63 28.13
CA LEU A 223 12.71 -10.18 29.46
C LEU A 223 11.89 -8.94 29.82
N PHE A 224 11.73 -8.04 28.86
CA PHE A 224 11.00 -6.80 29.08
C PHE A 224 9.53 -7.11 29.41
N ILE A 225 8.97 -8.09 28.71
CA ILE A 225 7.60 -8.52 28.97
C ILE A 225 7.44 -8.99 30.42
N GLU A 226 8.38 -9.81 30.89
CA GLU A 226 8.28 -10.34 32.24
C GLU A 226 8.45 -9.24 33.27
N TYR A 227 9.29 -8.25 32.98
CA TYR A 227 9.44 -7.14 33.91
C TYR A 227 8.14 -6.33 33.98
N GLY A 228 7.55 -6.07 32.82
CA GLY A 228 6.33 -5.27 32.78
C GLY A 228 5.19 -5.97 33.46
N LYS A 229 5.08 -7.27 33.24
CA LYS A 229 4.09 -8.07 33.97
C LYS A 229 4.36 -8.06 35.48
N ALA A 230 5.63 -8.14 35.85
CA ALA A 230 5.97 -8.19 37.28
C ALA A 230 5.65 -6.85 37.93
N LEU A 231 6.06 -5.77 37.27
CA LEU A 231 5.85 -4.43 37.83
C LEU A 231 4.37 -4.07 37.85
N GLY A 232 3.63 -4.49 36.81
CA GLY A 232 2.20 -4.29 36.81
C GLY A 232 1.56 -4.81 38.08
N SER A 233 2.13 -5.89 38.61
CA SER A 233 1.61 -6.53 39.81
C SER A 233 2.14 -5.93 41.12
N SER A 234 3.39 -5.47 41.11
CA SER A 234 4.04 -5.01 42.33
C SER A 234 4.12 -3.49 42.51
N SER A 235 3.71 -2.74 41.48
CA SER A 235 3.77 -1.28 41.49
C SER A 235 3.22 -0.68 42.78
N THR A 236 4.00 0.25 43.36
CA THR A 236 3.58 0.99 44.54
C THR A 236 2.64 2.13 44.17
N GLY A 237 2.48 2.34 42.86
CA GLY A 237 1.65 3.43 42.39
C GLY A 237 2.37 4.76 42.35
N SER A 238 3.71 4.73 42.47
CA SER A 238 4.51 5.94 42.34
C SER A 238 4.40 6.46 40.92
N LYS A 239 4.82 7.71 40.72
CA LYS A 239 4.69 8.37 39.43
C LYS A 239 5.50 7.65 38.35
N ALA A 240 6.75 7.32 38.65
CA ALA A 240 7.59 6.63 37.68
C ALA A 240 7.03 5.24 37.33
N GLU A 241 6.66 4.46 38.34
CA GLU A 241 6.16 3.11 38.08
C GLU A 241 4.85 3.13 37.30
N SER A 242 4.01 4.10 37.64
CA SER A 242 2.69 4.19 37.03
C SER A 242 2.84 4.52 35.56
N LEU A 243 3.77 5.42 35.26
CA LEU A 243 4.05 5.78 33.87
C LEU A 243 4.56 4.57 33.10
N PHE A 244 5.53 3.84 33.68
CA PHE A 244 6.05 2.66 33.02
C PHE A 244 4.95 1.65 32.71
N VAL A 245 4.14 1.35 33.71
CA VAL A 245 3.11 0.34 33.56
C VAL A 245 2.11 0.76 32.49
N ASN A 246 1.72 2.04 32.49
CA ASN A 246 0.75 2.56 31.53
C ASN A 246 1.27 2.49 30.09
N ILE A 247 2.56 2.76 29.91
CA ILE A 247 3.18 2.62 28.58
C ILE A 247 3.23 1.14 28.21
N PHE A 248 3.80 0.33 29.10
CA PHE A 248 3.96 -1.10 28.85
C PHE A 248 2.65 -1.79 28.48
N MET A 249 1.58 -1.44 29.17
CA MET A 249 0.29 -2.12 28.99
C MET A 249 -0.30 -1.85 27.61
N GLN A 250 0.18 -0.79 26.98
CA GLN A 250 -0.30 -0.45 25.62
C GLN A 250 0.21 -1.41 24.56
N ALA A 251 1.23 -2.20 24.89
CA ALA A 251 1.83 -3.12 23.91
C ALA A 251 0.81 -4.16 23.42
N TYR A 252 -0.04 -4.66 24.32
CA TYR A 252 -1.05 -5.65 23.92
C TYR A 252 -2.01 -5.12 22.87
N GLY A 253 -2.56 -3.93 23.09
CA GLY A 253 -3.46 -3.34 22.11
C GLY A 253 -2.75 -2.98 20.83
N ALA A 254 -1.50 -2.53 20.94
CA ALA A 254 -0.70 -2.15 19.76
C ALA A 254 -0.57 -3.32 18.79
N GLY A 255 -0.29 -4.50 19.35
CA GLY A 255 -0.18 -5.72 18.54
C GLY A 255 -1.50 -6.09 17.89
N GLN A 256 -2.62 -5.73 18.52
CA GLN A 256 -3.93 -6.10 17.97
C GLN A 256 -4.58 -5.02 17.08
N THR A 257 -3.87 -3.91 16.84
CA THR A 257 -4.45 -2.72 16.20
C THR A 257 -5.34 -3.03 14.97
N MET A 258 -4.81 -3.82 14.04
CA MET A 258 -5.51 -4.05 12.78
C MET A 258 -6.75 -4.91 12.97
N LEU A 259 -6.73 -5.78 13.97
CA LEU A 259 -7.90 -6.60 14.28
C LEU A 259 -8.96 -5.74 14.93
N ARG A 260 -8.54 -4.82 15.81
CA ARG A 260 -9.46 -3.89 16.45
C ARG A 260 -10.06 -2.96 15.39
N TRP A 261 -9.23 -2.48 14.47
CA TRP A 261 -9.74 -1.68 13.34
C TRP A 261 -10.76 -2.46 12.49
N GLY A 262 -10.58 -3.78 12.43
CA GLY A 262 -11.51 -4.65 11.74
C GLY A 262 -12.89 -4.63 12.38
N VAL A 263 -12.91 -4.74 13.72
CA VAL A 263 -14.16 -4.66 14.46
C VAL A 263 -14.79 -3.29 14.28
N ILE A 264 -13.96 -2.26 14.24
CA ILE A 264 -14.43 -0.89 14.04
C ILE A 264 -15.12 -0.75 12.67
N ALA A 265 -14.56 -1.42 11.66
CA ALA A 265 -15.15 -1.40 10.31
C ALA A 265 -16.57 -1.98 10.32
N ARG A 266 -16.79 -3.03 11.10
CA ARG A 266 -18.12 -3.63 11.24
C ARG A 266 -19.05 -2.73 12.06
N SER A 267 -18.53 -2.14 13.14
CA SER A 267 -19.34 -1.25 13.98
C SER A 267 -19.68 0.04 13.24
N SER A 268 -18.88 0.34 12.23
CA SER A 268 -19.13 1.44 11.31
C SER A 268 -20.08 1.04 10.19
N ASN A 269 -20.45 -0.23 10.16
CA ASN A 269 -21.31 -0.80 9.12
C ASN A 269 -20.81 -0.48 7.72
N ASN A 270 -19.50 -0.66 7.51
CA ASN A 270 -18.93 -0.42 6.20
C ASN A 270 -19.39 -1.49 5.24
N ILE A 271 -20.17 -1.11 4.23
CA ILE A 271 -20.80 -2.10 3.36
C ILE A 271 -19.78 -2.82 2.48
N MET A 272 -18.57 -2.28 2.37
CA MET A 272 -17.56 -2.97 1.58
C MET A 272 -17.12 -4.27 2.28
N LEU A 273 -17.50 -4.43 3.55
CA LEU A 273 -17.27 -5.70 4.23
C LEU A 273 -18.13 -6.81 3.61
N GLY A 274 -19.03 -6.44 2.71
CA GLY A 274 -19.83 -7.41 1.99
C GLY A 274 -19.39 -7.74 0.57
N HIS A 275 -18.30 -7.11 0.12
CA HIS A 275 -17.79 -7.36 -1.25
C HIS A 275 -17.44 -8.84 -1.42
N VAL A 276 -17.73 -9.40 -2.60
CA VAL A 276 -17.54 -10.83 -2.87
C VAL A 276 -16.12 -11.31 -2.55
N SER A 277 -15.12 -10.46 -2.82
CA SER A 277 -13.73 -10.85 -2.66
C SER A 277 -13.35 -10.85 -1.17
N VAL A 278 -14.11 -10.10 -0.37
CA VAL A 278 -13.95 -10.10 1.07
C VAL A 278 -14.68 -11.29 1.68
N GLN A 279 -15.92 -11.55 1.25
CA GLN A 279 -16.63 -12.72 1.73
C GLN A 279 -15.84 -14.01 1.50
N ALA A 280 -15.11 -14.05 0.38
CA ALA A 280 -14.30 -15.22 0.02
C ALA A 280 -13.19 -15.51 1.02
N GLU A 281 -12.84 -14.52 1.85
CA GLU A 281 -11.75 -14.66 2.80
C GLU A 281 -12.25 -15.06 4.18
N LEU A 282 -13.51 -15.49 4.24
CA LEU A 282 -14.17 -15.78 5.50
C LEU A 282 -13.39 -16.77 6.37
N LYS A 283 -12.86 -17.85 5.78
CA LYS A 283 -12.11 -18.81 6.59
C LYS A 283 -10.83 -18.20 7.16
N GLN A 284 -10.18 -17.34 6.38
CA GLN A 284 -8.97 -16.68 6.82
C GLN A 284 -9.28 -15.61 7.88
N VAL A 285 -10.36 -14.87 7.67
CA VAL A 285 -10.75 -13.86 8.65
C VAL A 285 -11.11 -14.59 9.94
N THR A 286 -11.76 -15.74 9.80
CA THR A 286 -12.11 -16.55 10.96
C THR A 286 -10.86 -17.03 11.71
N GLU A 287 -9.83 -17.45 10.98
CA GLU A 287 -8.59 -17.88 11.61
C GLU A 287 -7.98 -16.75 12.43
N VAL A 288 -8.01 -15.56 11.88
CA VAL A 288 -7.45 -14.38 12.52
C VAL A 288 -8.14 -14.10 13.86
N TYR A 289 -9.47 -14.05 13.85
CA TYR A 289 -10.18 -13.66 15.06
C TYR A 289 -10.30 -14.82 16.05
N ASP A 290 -10.22 -16.05 15.56
CA ASP A 290 -10.10 -17.22 16.42
C ASP A 290 -8.83 -17.11 17.27
N LEU A 291 -7.75 -16.63 16.66
CA LEU A 291 -6.49 -16.45 17.36
C LEU A 291 -6.64 -15.55 18.59
N VAL A 292 -7.19 -14.34 18.41
CA VAL A 292 -7.26 -13.43 19.56
C VAL A 292 -8.33 -13.87 20.54
N ARG A 293 -9.40 -14.48 20.04
CA ARG A 293 -10.48 -14.94 20.90
C ARG A 293 -9.97 -15.99 21.88
N GLU A 294 -9.20 -16.94 21.36
CA GLU A 294 -8.71 -18.05 22.16
C GLU A 294 -7.56 -17.65 23.08
N MET A 295 -6.65 -16.83 22.58
CA MET A 295 -5.46 -16.46 23.35
C MET A 295 -5.72 -15.36 24.37
N GLY A 296 -6.63 -14.44 24.05
CA GLY A 296 -6.81 -13.26 24.85
C GLY A 296 -5.71 -12.25 24.56
N PRO A 297 -5.57 -11.22 25.40
CA PRO A 297 -4.66 -10.09 25.12
C PRO A 297 -3.21 -10.49 24.83
N GLU A 298 -2.75 -11.62 25.37
CA GLU A 298 -1.39 -12.11 25.14
C GLU A 298 -1.06 -12.24 23.65
N SER A 299 -2.07 -12.53 22.85
CA SER A 299 -1.92 -12.63 21.40
C SER A 299 -1.35 -11.34 20.80
N GLY A 300 -1.59 -10.21 21.46
CA GLY A 300 -1.05 -8.94 20.99
C GLY A 300 0.47 -8.88 20.96
N LEU A 301 1.13 -9.74 21.72
CA LEU A 301 2.59 -9.76 21.76
C LEU A 301 3.25 -10.67 20.70
N LEU A 302 2.45 -11.36 19.90
CA LEU A 302 3.00 -12.35 18.96
C LEU A 302 3.86 -11.66 17.89
N HIS A 303 3.46 -10.46 17.49
CA HIS A 303 4.22 -9.65 16.54
C HIS A 303 5.60 -9.31 17.10
N LEU A 304 5.59 -8.73 18.30
CA LEU A 304 6.82 -8.42 19.04
C LEU A 304 7.74 -9.65 19.24
N ARG A 305 7.14 -10.76 19.64
CA ARG A 305 7.88 -12.00 19.87
C ARG A 305 8.34 -12.71 18.59
N GLN A 306 7.89 -12.22 17.44
CA GLN A 306 8.21 -12.82 16.14
C GLN A 306 7.71 -14.27 16.08
N SER A 307 6.52 -14.50 16.60
CA SER A 307 5.93 -15.83 16.59
C SER A 307 5.55 -16.24 15.16
N PRO A 308 5.51 -17.56 14.89
CA PRO A 308 5.09 -18.04 13.57
C PRO A 308 3.70 -17.58 13.17
N LYS A 309 2.84 -17.31 14.14
CA LYS A 309 1.48 -16.85 13.85
C LYS A 309 1.34 -15.32 13.78
N ALA A 310 2.45 -14.60 13.83
CA ALA A 310 2.41 -13.12 13.86
C ALA A 310 1.71 -12.48 12.65
N GLY A 311 1.89 -13.11 11.48
CA GLY A 311 1.28 -12.64 10.24
C GLY A 311 -0.22 -12.43 10.35
N LEU A 312 -0.87 -13.28 11.15
CA LEU A 312 -2.31 -13.14 11.35
C LEU A 312 -2.66 -11.76 11.90
N LEU A 313 -1.85 -11.25 12.82
CA LEU A 313 -2.09 -9.94 13.41
C LEU A 313 -2.01 -8.81 12.37
N SER A 314 -1.30 -9.05 11.28
CA SER A 314 -1.22 -8.04 10.22
C SER A 314 -2.15 -8.40 9.07
N LEU A 315 -3.05 -9.35 9.30
CA LEU A 315 -4.05 -9.74 8.30
C LEU A 315 -3.40 -10.18 6.98
N ALA A 316 -2.28 -10.88 7.11
CA ALA A 316 -1.47 -11.25 5.96
C ALA A 316 -2.20 -12.23 5.02
N ASN A 317 -3.07 -13.06 5.57
CA ASN A 317 -3.76 -14.07 4.76
C ASN A 317 -5.13 -13.59 4.27
N CYS A 318 -5.51 -12.35 4.56
CA CYS A 318 -6.82 -11.85 4.10
C CYS A 318 -6.71 -10.41 3.61
N PRO A 319 -6.06 -10.22 2.46
CA PRO A 319 -5.67 -8.90 1.93
C PRO A 319 -6.85 -8.03 1.52
N ASN A 320 -7.93 -8.62 1.05
CA ASN A 320 -9.08 -7.81 0.65
C ASN A 320 -9.79 -7.27 1.88
N PHE A 321 -9.94 -8.13 2.89
CA PHE A 321 -10.46 -7.67 4.18
C PHE A 321 -9.59 -6.56 4.73
N ALA A 322 -8.28 -6.77 4.70
CA ALA A 322 -7.35 -5.77 5.22
C ALA A 322 -7.56 -4.41 4.52
N SER A 323 -7.79 -4.44 3.22
CA SER A 323 -7.94 -3.22 2.44
C SER A 323 -9.19 -2.45 2.87
N VAL A 324 -10.27 -3.18 3.13
CA VAL A 324 -11.51 -2.56 3.59
C VAL A 324 -11.33 -2.03 5.02
N VAL A 325 -10.63 -2.80 5.85
CA VAL A 325 -10.38 -2.37 7.23
C VAL A 325 -9.59 -1.05 7.25
N LEU A 326 -8.51 -0.99 6.47
CA LEU A 326 -7.70 0.21 6.40
C LEU A 326 -8.45 1.37 5.76
N GLY A 327 -9.17 1.11 4.67
CA GLY A 327 -9.93 2.17 4.02
C GLY A 327 -10.95 2.78 4.98
N ASN A 328 -11.64 1.93 5.73
CA ASN A 328 -12.61 2.40 6.72
C ASN A 328 -11.94 3.28 7.77
N ALA A 329 -10.78 2.82 8.26
CA ALA A 329 -10.02 3.62 9.22
C ALA A 329 -9.63 4.98 8.63
N SER A 330 -9.23 5.00 7.37
CA SER A 330 -8.84 6.24 6.72
C SER A 330 -10.04 7.17 6.62
N GLY A 331 -11.18 6.63 6.19
CA GLY A 331 -12.41 7.39 6.04
C GLY A 331 -12.90 8.00 7.34
N LEU A 332 -12.74 7.27 8.44
CA LEU A 332 -13.16 7.77 9.74
C LEU A 332 -12.21 8.84 10.28
N GLY A 333 -10.99 8.87 9.76
CA GLY A 333 -9.98 9.82 10.18
C GLY A 333 -9.12 9.32 11.35
N ILE A 334 -9.05 8.01 11.55
CA ILE A 334 -8.32 7.44 12.68
C ILE A 334 -7.01 6.74 12.25
N ILE A 335 -6.69 6.74 10.95
CA ILE A 335 -5.59 5.89 10.48
C ILE A 335 -4.22 6.56 10.67
N GLY A 336 -4.24 7.86 10.99
CA GLY A 336 -3.00 8.60 11.20
C GLY A 336 -2.16 8.68 9.93
N MET A 337 -0.85 8.60 10.10
CA MET A 337 0.06 8.56 8.97
C MET A 337 0.43 7.11 8.66
N TYR A 338 -0.45 6.41 7.94
CA TYR A 338 -0.23 5.01 7.61
C TYR A 338 0.63 4.87 6.36
N ARG A 339 1.81 4.26 6.52
CA ARG A 339 2.75 4.10 5.43
C ARG A 339 2.84 2.65 4.99
N GLY A 340 1.98 1.80 5.54
CA GLY A 340 2.08 0.38 5.28
C GLY A 340 1.42 -0.04 3.99
N ARG A 341 1.27 -1.35 3.81
CA ARG A 341 0.74 -1.87 2.57
C ARG A 341 -0.77 -1.75 2.49
N VAL A 342 -1.26 -1.46 1.28
CA VAL A 342 -2.69 -1.48 1.00
C VAL A 342 -2.86 -2.48 -0.13
N PRO A 343 -3.32 -3.70 0.20
CA PRO A 343 -3.24 -4.76 -0.81
C PRO A 343 -4.14 -4.50 -2.04
N ASN A 344 -5.31 -3.92 -1.82
CA ASN A 344 -6.28 -3.73 -2.90
C ASN A 344 -6.71 -2.28 -2.86
N THR A 345 -6.14 -1.45 -3.73
CA THR A 345 -6.36 0.00 -3.64
C THR A 345 -7.80 0.38 -3.97
N GLU A 346 -8.42 -0.33 -4.92
CA GLU A 346 -9.81 -0.08 -5.25
C GLU A 346 -10.74 -0.32 -4.06
N LEU A 347 -10.54 -1.43 -3.36
CA LEU A 347 -11.36 -1.75 -2.20
C LEU A 347 -11.11 -0.76 -1.09
N PHE A 348 -9.85 -0.37 -0.92
CA PHE A 348 -9.48 0.63 0.08
C PHE A 348 -10.23 1.94 -0.18
N SER A 349 -10.20 2.39 -1.42
CA SER A 349 -10.81 3.67 -1.79
C SER A 349 -12.30 3.64 -1.64
N ALA A 350 -12.92 2.52 -2.02
CA ALA A 350 -14.36 2.36 -1.84
C ALA A 350 -14.72 2.37 -0.35
N ALA A 351 -13.98 1.60 0.43
CA ALA A 351 -14.28 1.54 1.86
C ALA A 351 -14.07 2.90 2.51
N GLU A 352 -13.07 3.62 2.03
CA GLU A 352 -12.75 4.95 2.54
C GLU A 352 -13.86 5.95 2.19
N SER A 353 -14.35 5.91 0.95
CA SER A 353 -15.42 6.80 0.53
C SER A 353 -16.67 6.56 1.36
N TYR A 354 -16.99 5.29 1.62
CA TYR A 354 -18.23 4.97 2.31
C TYR A 354 -18.19 5.45 3.76
N ALA A 355 -17.06 5.20 4.42
CA ALA A 355 -16.87 5.62 5.80
C ALA A 355 -16.99 7.13 5.88
N LYS A 356 -16.33 7.80 4.93
CA LYS A 356 -16.29 9.25 4.89
C LYS A 356 -17.70 9.84 4.72
N SER A 357 -18.52 9.23 3.88
CA SER A 357 -19.87 9.76 3.69
C SER A 357 -20.72 9.57 4.97
N LEU A 358 -20.56 8.44 5.65
CA LEU A 358 -21.27 8.23 6.91
C LEU A 358 -20.79 9.25 7.94
N LYS A 359 -19.48 9.47 7.98
CA LYS A 359 -18.92 10.45 8.92
C LYS A 359 -19.45 11.86 8.66
N GLU A 360 -19.48 12.27 7.39
CA GLU A 360 -19.89 13.63 7.04
C GLU A 360 -21.37 13.88 7.29
N SER A 361 -22.15 12.81 7.35
CA SER A 361 -23.57 12.93 7.63
C SER A 361 -23.90 12.67 9.12
N ASN A 362 -22.86 12.58 9.93
CA ASN A 362 -22.95 12.26 11.37
C ASN A 362 -23.70 10.96 11.62
N LYS A 363 -23.40 9.94 10.84
CA LYS A 363 -24.04 8.64 11.02
C LYS A 363 -23.07 7.60 11.56
N ILE A 364 -21.96 8.06 12.16
CA ILE A 364 -21.04 7.17 12.86
C ILE A 364 -21.15 7.35 14.36
N ASN A 365 -21.39 6.25 15.06
CA ASN A 365 -21.44 6.28 16.52
C ASN A 365 -20.03 6.14 17.08
N PHE A 366 -19.32 7.26 17.23
CA PHE A 366 -17.92 7.20 17.61
C PHE A 366 -17.71 6.68 19.04
N SER A 367 -18.72 6.82 19.89
CA SER A 367 -18.56 6.37 21.29
C SER A 367 -18.53 4.84 21.35
N SER A 368 -19.24 4.20 20.41
CA SER A 368 -19.41 2.75 20.43
C SER A 368 -18.32 2.00 19.66
N LEU A 369 -17.36 2.72 19.07
CA LEU A 369 -16.41 2.05 18.19
C LEU A 369 -15.28 1.32 18.92
N GLY A 370 -14.89 1.82 20.08
CA GLY A 370 -13.73 1.25 20.77
C GLY A 370 -12.44 1.86 20.25
N LEU A 371 -12.48 3.17 20.02
CA LEU A 371 -11.33 3.93 19.58
C LEU A 371 -10.42 4.18 20.77
N THR A 372 -9.12 4.35 20.50
CA THR A 372 -8.24 4.89 21.52
C THR A 372 -8.52 6.38 21.65
N ASP A 373 -8.04 6.99 22.72
CA ASP A 373 -8.26 8.41 22.94
C ASP A 373 -7.66 9.24 21.81
N GLU A 374 -6.47 8.82 21.37
CA GLU A 374 -5.80 9.55 20.30
C GLU A 374 -6.55 9.42 18.98
N GLU A 375 -7.16 8.26 18.75
CA GLU A 375 -7.95 8.08 17.55
C GLU A 375 -9.22 8.94 17.63
N LYS A 376 -9.83 9.00 18.80
CA LYS A 376 -11.02 9.82 19.02
C LYS A 376 -10.73 11.28 18.74
N GLU A 377 -9.58 11.72 19.24
CA GLU A 377 -9.14 13.09 19.07
C GLU A 377 -8.91 13.37 17.58
N ALA A 378 -8.27 12.43 16.89
CA ALA A 378 -8.00 12.57 15.46
C ALA A 378 -9.27 12.66 14.61
N ALA A 379 -10.23 11.79 14.90
CA ALA A 379 -11.46 11.71 14.14
C ALA A 379 -12.39 12.88 14.40
N GLU A 380 -12.51 13.29 15.66
CA GLU A 380 -13.53 14.25 16.04
C GLU A 380 -12.98 15.62 16.44
N HIS A 381 -11.69 15.69 16.76
CA HIS A 381 -11.02 16.92 17.18
C HIS A 381 -11.56 17.48 18.50
N PHE A 382 -11.97 16.55 19.38
CA PHE A 382 -12.25 16.86 20.77
C PHE A 382 -12.29 15.54 21.54
N LEU A 383 -12.10 15.59 22.86
CA LEU A 383 -12.05 14.39 23.67
C LEU A 383 -12.98 14.49 24.87
N MET B 1 -11.68 -5.04 25.40
CA MET B 1 -11.93 -5.25 23.97
C MET B 1 -12.39 -6.68 23.68
N SER B 2 -13.63 -6.81 23.23
CA SER B 2 -14.24 -8.11 22.95
C SER B 2 -14.34 -8.39 21.45
N PHE B 3 -13.58 -9.38 20.97
CA PHE B 3 -13.55 -9.67 19.55
C PHE B 3 -14.63 -10.67 19.15
N PRO B 4 -15.44 -10.32 18.14
CA PRO B 4 -16.44 -11.26 17.61
C PRO B 4 -15.82 -12.29 16.66
N GLU B 5 -16.62 -13.26 16.23
CA GLU B 5 -16.14 -14.23 15.24
C GLU B 5 -16.11 -13.55 13.88
N GLY B 6 -15.29 -14.09 12.98
CA GLY B 6 -15.13 -13.54 11.66
C GLY B 6 -16.43 -13.42 10.87
N LYS B 7 -17.31 -14.39 11.05
CA LYS B 7 -18.58 -14.39 10.35
C LYS B 7 -19.51 -13.28 10.87
N ASP B 8 -19.16 -12.70 12.01
CA ASP B 8 -19.96 -11.60 12.57
C ASP B 8 -19.32 -10.26 12.23
N ILE B 9 -18.15 -10.31 11.60
CA ILE B 9 -17.49 -9.10 11.15
C ILE B 9 -17.79 -8.86 9.68
N LEU B 10 -17.71 -9.89 8.86
CA LEU B 10 -18.01 -9.74 7.44
C LEU B 10 -19.52 -9.65 7.22
N PHE B 11 -19.94 -9.07 6.10
CA PHE B 11 -21.32 -9.16 5.65
C PHE B 11 -21.45 -10.24 4.59
N MET B 12 -22.08 -11.35 4.93
CA MET B 12 -22.14 -12.48 4.04
C MET B 12 -23.45 -12.48 3.28
N GLY B 13 -23.48 -13.18 2.15
CA GLY B 13 -24.71 -13.32 1.40
C GLY B 13 -24.72 -12.56 0.10
N ASN B 14 -25.61 -13.00 -0.79
CA ASN B 14 -25.72 -12.44 -2.12
C ASN B 14 -26.10 -10.97 -2.06
N GLU B 15 -27.04 -10.65 -1.19
CA GLU B 15 -27.52 -9.28 -1.04
C GLU B 15 -26.38 -8.33 -0.63
N ALA B 16 -25.60 -8.75 0.36
CA ALA B 16 -24.45 -7.97 0.82
C ALA B 16 -23.44 -7.75 -0.32
N ALA B 17 -23.24 -8.77 -1.15
CA ALA B 17 -22.33 -8.66 -2.29
C ALA B 17 -22.85 -7.62 -3.29
N LYS B 18 -24.13 -7.71 -3.62
CA LYS B 18 -24.72 -6.79 -4.58
C LYS B 18 -24.68 -5.34 -4.07
N LEU B 19 -24.89 -5.15 -2.77
CA LEU B 19 -24.86 -3.81 -2.19
C LEU B 19 -23.48 -3.17 -2.37
N ALA B 20 -22.42 -3.90 -2.01
CA ALA B 20 -21.07 -3.40 -2.14
C ALA B 20 -20.70 -3.13 -3.60
N GLU B 21 -21.10 -4.04 -4.48
CA GLU B 21 -20.85 -3.88 -5.91
C GLU B 21 -21.51 -2.60 -6.43
N ALA B 22 -22.75 -2.35 -6.03
CA ALA B 22 -23.47 -1.17 -6.50
C ALA B 22 -22.79 0.11 -6.03
N PHE B 23 -22.37 0.15 -4.76
CA PHE B 23 -21.71 1.33 -4.23
C PHE B 23 -20.42 1.61 -4.98
N GLN B 24 -19.64 0.57 -5.19
CA GLN B 24 -18.39 0.66 -5.94
C GLN B 24 -18.63 1.23 -7.33
N LYS B 25 -19.70 0.77 -7.98
CA LYS B 25 -20.08 1.24 -9.31
C LYS B 25 -20.49 2.71 -9.33
N SER B 26 -21.11 3.16 -8.24
CA SER B 26 -21.55 4.56 -8.14
C SER B 26 -20.36 5.52 -8.08
N LEU B 27 -19.21 5.00 -7.65
CA LEU B 27 -17.99 5.81 -7.54
C LEU B 27 -17.29 5.98 -8.89
N ARG B 28 -17.94 5.49 -9.95
CA ARG B 28 -17.39 5.45 -11.31
C ARG B 28 -16.09 4.66 -11.35
N GLY C 30 -29.74 -16.34 -13.65
CA GLY C 30 -28.55 -16.17 -14.44
C GLY C 30 -28.57 -14.93 -15.32
N THR C 31 -27.41 -14.56 -15.84
CA THR C 31 -27.31 -13.36 -16.67
C THR C 31 -27.12 -13.72 -18.14
N THR C 32 -27.45 -12.78 -19.01
CA THR C 32 -27.35 -12.99 -20.45
C THR C 32 -26.73 -11.77 -21.12
N THR C 33 -26.16 -11.98 -22.31
CA THR C 33 -25.54 -10.91 -23.06
C THR C 33 -25.58 -11.23 -24.55
N ALA C 34 -25.52 -10.19 -25.38
CA ALA C 34 -25.64 -10.34 -26.84
C ALA C 34 -24.41 -10.91 -27.50
N VAL C 35 -24.63 -11.81 -28.46
CA VAL C 35 -23.66 -12.11 -29.51
C VAL C 35 -24.37 -11.98 -30.82
N THR C 36 -23.58 -11.87 -31.88
CA THR C 36 -24.12 -11.71 -33.22
C THR C 36 -23.45 -12.72 -34.13
N PRO C 37 -24.26 -13.52 -34.84
CA PRO C 37 -23.66 -14.54 -35.69
C PRO C 37 -22.91 -13.91 -36.86
N SER C 38 -21.87 -14.60 -37.32
CA SER C 38 -21.03 -14.11 -38.40
C SER C 38 -21.84 -13.82 -39.67
N SER C 39 -22.97 -14.51 -39.81
CA SER C 39 -23.89 -14.26 -40.94
C SER C 39 -24.45 -12.83 -41.02
N LEU C 40 -24.34 -12.07 -39.93
CA LEU C 40 -24.86 -10.71 -39.90
C LEU C 40 -23.74 -9.67 -39.82
N GLN C 41 -22.55 -10.07 -40.27
CA GLN C 41 -21.36 -9.21 -40.23
C GLN C 41 -21.57 -7.93 -41.01
N GLN C 42 -22.19 -8.02 -42.18
CA GLN C 42 -22.39 -6.83 -43.00
C GLN C 42 -23.36 -5.87 -42.33
N GLU C 43 -24.39 -6.43 -41.70
CA GLU C 43 -25.40 -5.62 -41.04
C GLU C 43 -24.83 -4.90 -39.80
N ILE C 44 -24.00 -5.59 -39.03
CA ILE C 44 -23.46 -4.95 -37.84
C ILE C 44 -22.43 -3.90 -38.27
N THR C 45 -21.72 -4.19 -39.36
CA THR C 45 -20.78 -3.23 -39.93
C THR C 45 -21.52 -1.93 -40.23
N LEU C 46 -22.67 -2.04 -40.89
CA LEU C 46 -23.44 -0.84 -41.20
C LEU C 46 -23.87 -0.10 -39.94
N LEU C 47 -24.25 -0.82 -38.89
CA LEU C 47 -24.70 -0.14 -37.68
C LEU C 47 -23.52 0.60 -37.01
N CYS C 48 -22.35 0.00 -37.02
CA CYS C 48 -21.15 0.70 -36.54
C CYS C 48 -20.92 1.98 -37.31
N GLY C 49 -20.98 1.90 -38.64
CA GLY C 49 -20.82 3.10 -39.46
C GLY C 49 -21.85 4.17 -39.17
N GLU C 50 -23.09 3.76 -38.91
CA GLU C 50 -24.15 4.72 -38.62
C GLU C 50 -23.90 5.48 -37.32
N ILE C 51 -23.25 4.82 -36.36
CA ILE C 51 -22.91 5.47 -35.11
C ILE C 51 -21.94 6.62 -35.39
N LEU C 52 -20.96 6.36 -36.25
CA LEU C 52 -19.93 7.35 -36.60
C LEU C 52 -20.44 8.46 -37.51
N TYR C 53 -21.41 8.12 -38.34
CA TYR C 53 -21.72 8.93 -39.51
C TYR C 53 -22.58 10.15 -39.19
N ALA C 54 -23.36 10.06 -38.13
CA ALA C 54 -24.29 11.13 -37.79
C ALA C 54 -24.10 11.62 -36.35
N LYS C 55 -24.59 12.82 -36.09
CA LYS C 55 -24.60 13.38 -34.74
C LYS C 55 -25.78 12.82 -33.96
N HIS C 56 -25.51 11.91 -33.03
CA HIS C 56 -26.58 11.26 -32.29
C HIS C 56 -26.72 11.88 -30.91
N ALA C 57 -27.91 11.80 -30.34
CA ALA C 57 -28.17 12.30 -28.99
C ALA C 57 -27.62 11.36 -27.91
N ASP C 58 -27.69 10.06 -28.18
CA ASP C 58 -27.39 9.07 -27.14
C ASP C 58 -26.49 7.97 -27.69
N TYR C 59 -25.32 7.76 -27.07
CA TYR C 59 -24.40 6.74 -27.53
C TYR C 59 -24.31 5.55 -26.58
N LYS C 60 -25.33 5.36 -25.76
CA LYS C 60 -25.26 4.39 -24.66
C LYS C 60 -24.77 3.04 -25.12
N TYR C 61 -25.31 2.55 -26.23
CA TYR C 61 -24.98 1.18 -26.65
C TYR C 61 -23.91 1.08 -27.74
N ALA C 62 -23.22 2.18 -28.03
CA ALA C 62 -22.19 2.17 -29.07
C ALA C 62 -21.13 1.11 -28.82
N ALA C 63 -20.69 0.97 -27.58
CA ALA C 63 -19.64 0.00 -27.23
C ALA C 63 -20.12 -1.41 -27.48
N GLU C 64 -21.38 -1.66 -27.14
CA GLU C 64 -21.99 -2.98 -27.33
C GLU C 64 -22.04 -3.34 -28.81
N ILE C 65 -22.29 -2.33 -29.64
CA ILE C 65 -22.32 -2.58 -31.09
C ILE C 65 -20.91 -2.97 -31.55
N GLY C 66 -19.88 -2.30 -31.02
CA GLY C 66 -18.50 -2.71 -31.31
C GLY C 66 -18.23 -4.17 -30.97
N ILE C 67 -18.63 -4.55 -29.76
CA ILE C 67 -18.53 -5.92 -29.27
C ILE C 67 -19.26 -6.88 -30.22
N GLN C 68 -20.42 -6.46 -30.72
CA GLN C 68 -21.14 -7.29 -31.66
C GLN C 68 -20.33 -7.56 -32.93
N TYR C 69 -19.59 -6.56 -33.40
CA TYR C 69 -18.75 -6.79 -34.58
C TYR C 69 -17.65 -7.81 -34.25
N ILE C 70 -17.02 -7.66 -33.09
CA ILE C 70 -16.04 -8.64 -32.64
C ILE C 70 -16.63 -10.05 -32.65
N SER C 71 -17.86 -10.20 -32.19
CA SER C 71 -18.46 -11.54 -32.14
C SER C 71 -18.65 -12.10 -33.54
N THR C 72 -18.96 -11.26 -34.53
CA THR C 72 -19.07 -11.76 -35.92
C THR C 72 -17.69 -12.15 -36.43
N ALA C 73 -16.67 -11.45 -35.96
CA ALA C 73 -15.30 -11.75 -36.37
C ALA C 73 -14.84 -13.08 -35.81
N LEU C 74 -15.14 -13.35 -34.55
CA LEU C 74 -14.62 -14.55 -33.89
C LEU C 74 -15.60 -15.71 -33.96
N GLY C 75 -16.88 -15.39 -34.11
CA GLY C 75 -17.89 -16.43 -34.13
C GLY C 75 -18.60 -16.49 -32.80
N SER C 76 -19.92 -16.59 -32.84
CA SER C 76 -20.73 -16.48 -31.65
C SER C 76 -20.47 -17.63 -30.66
N GLU C 77 -20.21 -18.81 -31.17
CA GLU C 77 -19.99 -19.94 -30.27
C GLU C 77 -18.61 -19.85 -29.61
N ARG C 78 -17.63 -19.35 -30.36
CA ARG C 78 -16.30 -19.13 -29.78
C ARG C 78 -16.36 -18.05 -28.69
N VAL C 79 -17.24 -17.07 -28.85
CA VAL C 79 -17.39 -16.03 -27.83
C VAL C 79 -17.92 -16.62 -26.51
N GLN C 80 -18.93 -17.48 -26.60
CA GLN C 80 -19.45 -18.14 -25.41
C GLN C 80 -18.33 -18.89 -24.67
N GLN C 81 -17.46 -19.56 -25.42
CA GLN C 81 -16.30 -20.22 -24.82
C GLN C 81 -15.43 -19.22 -24.08
N ILE C 82 -15.12 -18.12 -24.75
CA ILE C 82 -14.23 -17.09 -24.21
C ILE C 82 -14.78 -16.53 -22.90
N LEU C 83 -16.07 -16.21 -22.89
CA LEU C 83 -16.68 -15.63 -21.70
C LEU C 83 -16.66 -16.66 -20.57
N ARG C 84 -17.00 -17.91 -20.92
CA ARG C 84 -17.01 -19.00 -19.96
C ARG C 84 -15.63 -19.13 -19.31
N ASN C 85 -14.60 -19.11 -20.14
CA ASN C 85 -13.23 -19.28 -19.68
C ASN C 85 -12.70 -18.09 -18.87
N SER C 86 -13.34 -16.93 -19.00
CA SER C 86 -12.91 -15.78 -18.21
C SER C 86 -13.43 -15.87 -16.76
N GLY C 87 -14.27 -16.86 -16.49
CA GLY C 87 -14.80 -17.07 -15.16
C GLY C 87 -16.23 -16.61 -15.00
N SER C 88 -16.88 -16.35 -16.13
CA SER C 88 -18.26 -15.85 -16.13
C SER C 88 -19.24 -16.94 -16.57
N GLU C 89 -20.41 -16.99 -15.92
CA GLU C 89 -21.43 -17.93 -16.36
C GLU C 89 -22.48 -17.27 -17.26
N VAL C 90 -22.16 -16.10 -17.81
CA VAL C 90 -23.08 -15.39 -18.67
C VAL C 90 -23.39 -16.23 -19.93
N GLN C 91 -24.67 -16.28 -20.28
CA GLN C 91 -25.11 -17.03 -21.44
C GLN C 91 -25.37 -16.08 -22.59
N VAL C 92 -24.80 -16.40 -23.76
CA VAL C 92 -24.93 -15.53 -24.93
C VAL C 92 -26.28 -15.75 -25.60
N VAL C 93 -26.84 -14.67 -26.16
CA VAL C 93 -28.12 -14.73 -26.86
C VAL C 93 -27.94 -14.11 -28.25
N LEU C 94 -28.33 -14.86 -29.30
CA LEU C 94 -28.03 -14.46 -30.68
C LEU C 94 -28.89 -13.30 -31.19
N THR C 95 -28.25 -12.39 -31.92
CA THR C 95 -28.94 -11.32 -32.62
C THR C 95 -29.83 -11.88 -33.73
N ARG C 96 -31.01 -11.29 -33.91
CA ARG C 96 -31.90 -11.67 -35.01
C ARG C 96 -32.24 -10.43 -35.84
N THR C 97 -32.95 -10.63 -36.95
CA THR C 97 -33.35 -9.52 -37.78
C THR C 97 -34.88 -9.39 -37.78
N TYR C 98 -35.38 -8.20 -38.06
CA TYR C 98 -36.81 -7.97 -38.27
C TYR C 98 -36.94 -6.79 -39.24
N SER C 99 -38.12 -6.57 -39.81
CA SER C 99 -38.27 -5.46 -40.75
C SER C 99 -39.35 -4.45 -40.32
N GLN C 112 -34.93 -3.36 -42.82
CA GLN C 112 -34.28 -4.48 -42.13
C GLN C 112 -33.48 -4.04 -40.91
N MET C 113 -33.86 -4.52 -39.73
CA MET C 113 -33.22 -4.11 -38.48
C MET C 113 -32.56 -5.26 -37.73
N LEU C 114 -31.58 -4.94 -36.89
CA LEU C 114 -31.00 -5.93 -35.98
C LEU C 114 -31.67 -5.87 -34.60
N ASP C 115 -32.10 -7.03 -34.10
CA ASP C 115 -32.69 -7.18 -32.77
C ASP C 115 -31.58 -7.70 -31.87
N ILE C 116 -30.96 -6.79 -31.11
CA ILE C 116 -29.78 -7.13 -30.32
C ILE C 116 -30.17 -7.28 -28.85
N HIS C 117 -29.97 -8.48 -28.31
CA HIS C 117 -30.34 -8.80 -26.93
C HIS C 117 -29.73 -7.78 -25.96
N GLY C 118 -30.55 -7.21 -25.08
CA GLY C 118 -30.07 -6.25 -24.10
C GLY C 118 -29.84 -4.83 -24.62
N VAL C 119 -30.07 -4.63 -25.92
CA VAL C 119 -30.02 -3.30 -26.52
C VAL C 119 -31.43 -2.88 -26.94
N GLU C 120 -31.95 -1.79 -26.36
CA GLU C 120 -33.30 -1.33 -26.65
C GLU C 120 -33.53 -1.16 -28.16
N LYS C 121 -34.63 -1.70 -28.66
CA LYS C 121 -34.93 -1.58 -30.07
C LYS C 121 -35.04 -0.11 -30.47
N SER C 122 -35.62 0.71 -29.60
CA SER C 122 -35.79 2.14 -29.90
C SER C 122 -34.45 2.82 -30.16
N TRP C 123 -33.41 2.37 -29.47
CA TRP C 123 -32.07 2.93 -29.67
C TRP C 123 -31.53 2.60 -31.06
N VAL C 124 -31.57 1.32 -31.40
CA VAL C 124 -31.07 0.88 -32.70
C VAL C 124 -31.83 1.58 -33.82
N GLU C 125 -33.15 1.62 -33.68
CA GLU C 125 -33.98 2.22 -34.70
C GLU C 125 -33.70 3.72 -34.81
N GLU C 126 -33.46 4.39 -33.68
CA GLU C 126 -33.14 5.81 -33.72
C GLU C 126 -31.76 6.13 -34.33
N ILE C 127 -30.76 5.31 -34.04
CA ILE C 127 -29.44 5.47 -34.67
C ILE C 127 -29.56 5.36 -36.18
N ASP C 128 -30.26 4.31 -36.63
CA ASP C 128 -30.44 4.03 -38.03
C ASP C 128 -31.23 5.16 -38.69
N LYS C 129 -32.30 5.60 -38.04
CA LYS C 129 -33.15 6.65 -38.60
C LYS C 129 -32.37 7.94 -38.79
N GLU C 130 -31.65 8.35 -37.75
CA GLU C 130 -30.89 9.60 -37.79
C GLU C 130 -29.76 9.51 -38.84
N ALA C 131 -29.10 8.36 -38.94
CA ALA C 131 -28.07 8.17 -39.96
C ALA C 131 -28.66 8.22 -41.38
N ARG C 132 -29.76 7.51 -41.62
CA ARG C 132 -30.38 7.53 -42.94
C ARG C 132 -30.85 8.94 -43.30
N LYS C 133 -31.40 9.66 -42.32
CA LYS C 133 -31.83 11.02 -42.55
C LYS C 133 -30.63 11.88 -42.92
N THR C 134 -29.53 11.75 -42.18
CA THR C 134 -28.34 12.52 -42.51
C THR C 134 -27.82 12.14 -43.91
N MET C 135 -27.74 10.85 -44.19
CA MET C 135 -27.27 10.39 -45.50
C MET C 135 -28.16 10.91 -46.65
N ALA C 136 -29.48 10.86 -46.48
CA ALA C 136 -30.38 11.36 -47.52
C ALA C 136 -30.10 12.83 -47.83
N THR C 137 -29.95 13.62 -46.77
CA THR C 137 -29.68 15.04 -46.92
C THR C 137 -28.33 15.31 -47.60
N LEU C 138 -27.26 14.70 -47.09
CA LEU C 138 -25.92 14.93 -47.63
C LEU C 138 -25.78 14.41 -49.06
N LEU C 139 -26.43 13.28 -49.36
CA LEU C 139 -26.37 12.71 -50.70
C LEU C 139 -26.96 13.67 -51.71
N LYS C 140 -28.09 14.26 -51.36
CA LYS C 140 -28.74 15.22 -52.27
C LYS C 140 -27.86 16.45 -52.45
N GLU C 141 -27.23 16.92 -51.37
CA GLU C 141 -26.37 18.11 -51.47
C GLU C 141 -25.16 17.83 -52.35
N SER C 142 -24.74 16.56 -52.40
CA SER C 142 -23.59 16.17 -53.21
C SER C 142 -24.02 15.48 -54.51
N SER C 143 -25.28 15.65 -54.88
CA SER C 143 -25.81 15.16 -56.17
C SER C 143 -25.56 13.65 -56.39
N GLY C 144 -25.66 12.89 -55.30
CA GLY C 144 -25.52 11.46 -55.36
C GLY C 144 -24.08 10.97 -55.38
N ASN C 145 -23.14 11.91 -55.23
CA ASN C 145 -21.72 11.58 -55.35
C ASN C 145 -20.99 11.76 -54.03
N ILE C 146 -20.94 10.68 -53.25
CA ILE C 146 -20.19 10.68 -51.98
C ILE C 146 -19.27 9.46 -51.96
N PRO C 147 -17.96 9.68 -51.76
CA PRO C 147 -17.04 8.53 -51.75
C PRO C 147 -17.37 7.48 -50.70
N GLN C 148 -17.13 6.21 -51.03
CA GLN C 148 -17.36 5.09 -50.13
C GLN C 148 -16.77 5.30 -48.73
N ASN C 149 -15.56 5.81 -48.64
CA ASN C 149 -14.90 5.88 -47.34
C ASN C 149 -15.47 7.01 -46.47
N GLN C 150 -16.52 7.66 -46.94
CA GLN C 150 -17.26 8.63 -46.13
C GLN C 150 -18.65 8.12 -45.72
N ARG C 151 -19.00 6.93 -46.19
CA ARG C 151 -20.33 6.34 -45.90
C ARG C 151 -20.27 5.42 -44.68
N PRO C 152 -21.43 5.19 -44.05
CA PRO C 152 -21.48 4.27 -42.91
C PRO C 152 -21.19 2.84 -43.29
N SER C 153 -21.33 2.52 -44.58
CA SER C 153 -21.08 1.16 -45.03
C SER C 153 -19.59 0.85 -45.24
N ALA C 154 -18.72 1.85 -45.11
CA ALA C 154 -17.28 1.59 -45.32
C ALA C 154 -16.84 0.49 -44.36
N PRO C 155 -16.11 -0.52 -44.87
CA PRO C 155 -15.84 -1.72 -44.05
C PRO C 155 -14.97 -1.49 -42.82
N ASP C 156 -14.22 -0.40 -42.78
CA ASP C 156 -13.39 -0.15 -41.59
C ASP C 156 -14.10 0.65 -40.50
N THR C 157 -15.39 0.97 -40.68
CA THR C 157 -16.08 1.71 -39.61
C THR C 157 -16.15 0.93 -38.27
N PRO C 158 -16.37 -0.41 -38.29
CA PRO C 158 -16.24 -1.08 -36.99
C PRO C 158 -14.84 -1.00 -36.39
N ILE C 159 -13.81 -1.04 -37.23
CA ILE C 159 -12.44 -0.99 -36.73
C ILE C 159 -12.17 0.38 -36.13
N ILE C 160 -12.64 1.42 -36.80
CA ILE C 160 -12.52 2.79 -36.27
C ILE C 160 -13.24 2.92 -34.93
N LEU C 161 -14.48 2.46 -34.87
CA LEU C 161 -15.23 2.44 -33.61
C LEU C 161 -14.45 1.70 -32.51
N LEU C 162 -13.89 0.55 -32.86
CA LEU C 162 -13.15 -0.26 -31.91
C LEU C 162 -11.80 0.37 -31.51
N CYS C 163 -11.27 1.26 -32.35
CA CYS C 163 -10.05 1.99 -31.96
C CYS C 163 -10.31 2.91 -30.77
N VAL C 164 -11.48 3.54 -30.73
CA VAL C 164 -11.85 4.33 -29.57
C VAL C 164 -11.91 3.38 -28.39
N GLY C 165 -12.54 2.24 -28.58
CA GLY C 165 -12.60 1.23 -27.53
C GLY C 165 -11.24 0.76 -27.05
N ALA C 166 -10.30 0.63 -28.00
CA ALA C 166 -8.96 0.16 -27.69
C ALA C 166 -8.21 1.16 -26.79
N LEU C 167 -8.45 2.45 -27.00
CA LEU C 167 -7.81 3.47 -26.18
C LEU C 167 -8.33 3.43 -24.74
N ILE C 168 -9.63 3.19 -24.59
CA ILE C 168 -10.25 3.02 -23.27
C ILE C 168 -9.74 1.74 -22.58
N PHE C 169 -9.64 0.69 -23.38
CA PHE C 169 -9.09 -0.59 -22.95
C PHE C 169 -7.65 -0.46 -22.41
N THR C 170 -6.82 0.28 -23.12
CA THR C 170 -5.44 0.45 -22.69
C THR C 170 -5.35 1.39 -21.48
N LYS C 171 -6.25 2.37 -21.40
CA LYS C 171 -6.38 3.17 -20.19
C LYS C 171 -6.70 2.26 -19.00
N LEU C 172 -7.66 1.38 -19.22
CA LEU C 172 -8.06 0.41 -18.21
C LEU C 172 -6.92 -0.53 -17.82
N ALA C 173 -6.09 -0.91 -18.78
CA ALA C 173 -5.00 -1.85 -18.51
C ALA C 173 -3.91 -1.26 -17.61
N SER C 174 -3.80 0.07 -17.58
CA SER C 174 -2.69 0.71 -16.88
C SER C 174 -2.88 0.71 -15.37
N THR C 175 -1.78 0.53 -14.66
CA THR C 175 -1.79 0.64 -13.21
C THR C 175 -1.68 2.09 -12.80
N ILE C 176 -1.54 2.97 -13.78
CA ILE C 176 -1.46 4.41 -13.53
C ILE C 176 -2.79 5.08 -13.86
N GLU C 177 -3.45 5.67 -12.87
CA GLU C 177 -4.75 6.28 -13.13
C GLU C 177 -4.63 7.60 -13.91
N VAL C 178 -5.43 7.72 -14.97
CA VAL C 178 -5.54 8.98 -15.72
C VAL C 178 -7.01 9.33 -15.93
N GLY C 179 -7.29 10.63 -16.09
CA GLY C 179 -8.66 11.05 -16.30
C GLY C 179 -9.17 10.68 -17.68
N LEU C 180 -10.47 10.46 -17.78
CA LEU C 180 -11.10 10.09 -19.04
C LEU C 180 -10.89 11.16 -20.12
N GLU C 181 -10.86 12.44 -19.73
CA GLU C 181 -10.68 13.52 -20.70
C GLU C 181 -9.30 13.46 -21.34
N THR C 182 -8.31 13.02 -20.56
CA THR C 182 -6.96 12.85 -21.05
C THR C 182 -6.94 11.83 -22.18
N THR C 183 -7.63 10.72 -21.97
CA THR C 183 -7.69 9.66 -22.97
C THR C 183 -8.46 10.16 -24.21
N VAL C 184 -9.51 10.93 -23.99
CA VAL C 184 -10.31 11.47 -25.11
C VAL C 184 -9.46 12.41 -25.96
N ARG C 185 -8.65 13.25 -25.31
CA ARG C 185 -7.74 14.14 -26.01
C ARG C 185 -6.78 13.34 -26.89
N ARG C 186 -6.29 12.22 -26.38
CA ARG C 186 -5.42 11.36 -27.18
C ARG C 186 -6.18 10.75 -28.35
N ALA C 187 -7.43 10.33 -28.12
CA ALA C 187 -8.25 9.79 -29.21
C ALA C 187 -8.43 10.81 -30.33
N ASN C 188 -8.56 12.08 -29.96
CA ASN C 188 -8.73 13.15 -30.97
C ASN C 188 -7.51 13.24 -31.89
N ARG C 189 -6.31 13.08 -31.33
CA ARG C 189 -5.11 13.15 -32.15
C ARG C 189 -4.93 11.89 -32.99
N VAL C 190 -5.07 10.74 -32.33
CA VAL C 190 -4.87 9.44 -32.92
C VAL C 190 -5.81 9.20 -34.12
N LEU C 191 -7.07 9.60 -33.97
CA LEU C 191 -8.06 9.36 -35.03
C LEU C 191 -8.33 10.62 -35.85
N SER C 192 -7.34 11.49 -35.98
CA SER C 192 -7.51 12.73 -36.73
C SER C 192 -7.90 12.43 -38.17
N ASP C 193 -7.32 11.39 -38.77
CA ASP C 193 -7.65 11.04 -40.15
C ASP C 193 -9.09 10.52 -40.27
N ALA C 194 -9.53 9.73 -39.30
CA ALA C 194 -10.90 9.23 -39.27
C ALA C 194 -11.89 10.38 -39.13
N LEU C 195 -11.53 11.38 -38.35
CA LEU C 195 -12.38 12.56 -38.16
C LEU C 195 -12.55 13.39 -39.42
N LYS C 196 -11.57 13.39 -40.32
CA LYS C 196 -11.74 14.07 -41.61
C LYS C 196 -12.78 13.34 -42.46
N ARG C 197 -12.77 12.00 -42.40
CA ARG C 197 -13.79 11.20 -43.09
C ARG C 197 -15.15 11.26 -42.39
N TYR C 198 -15.13 11.20 -41.06
CA TYR C 198 -16.38 11.19 -40.28
C TYR C 198 -16.42 12.35 -39.29
N PRO C 199 -16.72 13.55 -39.78
CA PRO C 199 -16.60 14.77 -38.96
C PRO C 199 -17.71 14.94 -37.94
N ARG C 200 -18.71 14.07 -37.96
CA ARG C 200 -19.78 14.08 -36.96
C ARG C 200 -19.55 12.99 -35.90
N MET C 201 -18.39 12.34 -35.95
CA MET C 201 -18.08 11.29 -34.97
C MET C 201 -17.91 11.91 -33.59
N ASP C 202 -18.63 11.38 -32.60
CA ASP C 202 -18.57 11.95 -31.26
C ASP C 202 -17.66 11.07 -30.39
N ILE C 203 -16.36 11.38 -30.42
CA ILE C 203 -15.39 10.55 -29.73
C ILE C 203 -15.64 10.50 -28.21
N PRO C 204 -15.91 11.65 -27.55
CA PRO C 204 -16.08 11.58 -26.09
C PRO C 204 -17.27 10.73 -25.63
N LYS C 205 -18.38 10.79 -26.37
CA LYS C 205 -19.54 10.00 -25.99
C LYS C 205 -19.34 8.52 -26.35
N ILE C 206 -18.66 8.26 -27.47
CA ILE C 206 -18.31 6.89 -27.81
C ILE C 206 -17.34 6.34 -26.77
N ALA C 207 -16.35 7.16 -26.42
CA ALA C 207 -15.37 6.77 -25.39
C ALA C 207 -16.04 6.43 -24.05
N ARG C 208 -17.01 7.24 -23.63
CA ARG C 208 -17.74 7.00 -22.38
C ARG C 208 -18.50 5.68 -22.45
N SER C 209 -19.07 5.39 -23.62
CA SER C 209 -19.81 4.16 -23.80
C SER C 209 -18.90 2.95 -23.57
N PHE C 210 -17.69 3.00 -24.12
CA PHE C 210 -16.73 1.93 -23.91
C PHE C 210 -16.25 1.88 -22.46
N TYR C 211 -16.04 3.05 -21.87
CA TYR C 211 -15.65 3.10 -20.46
C TYR C 211 -16.69 2.36 -19.60
N ASP C 212 -17.95 2.69 -19.79
CA ASP C 212 -19.04 2.06 -19.05
C ASP C 212 -19.16 0.55 -19.34
N LEU C 213 -19.03 0.16 -20.60
CA LEU C 213 -19.15 -1.25 -20.95
C LEU C 213 -18.10 -2.12 -20.25
N PHE C 214 -16.85 -1.66 -20.24
CA PHE C 214 -15.78 -2.42 -19.58
C PHE C 214 -15.90 -2.44 -18.05
N GLU C 215 -16.54 -1.43 -17.46
CA GLU C 215 -16.81 -1.43 -16.02
C GLU C 215 -17.97 -2.37 -15.67
N GLN C 216 -18.94 -2.48 -16.56
CA GLN C 216 -20.16 -3.20 -16.26
C GLN C 216 -20.11 -4.66 -16.70
N LYS C 217 -19.48 -4.91 -17.84
CA LYS C 217 -19.36 -6.27 -18.36
C LYS C 217 -17.89 -6.66 -18.37
N VAL C 218 -17.38 -7.12 -17.24
CA VAL C 218 -15.95 -7.37 -17.09
C VAL C 218 -15.49 -8.46 -18.04
N TYR C 219 -16.35 -9.43 -18.30
CA TYR C 219 -15.99 -10.50 -19.23
C TYR C 219 -15.70 -9.98 -20.64
N HIS C 220 -16.20 -8.81 -21.01
CA HIS C 220 -15.90 -8.31 -22.36
C HIS C 220 -14.47 -7.75 -22.44
N ARG C 221 -13.80 -7.61 -21.30
CA ARG C 221 -12.36 -7.33 -21.34
C ARG C 221 -11.61 -8.51 -21.91
N SER C 222 -12.00 -9.71 -21.52
CA SER C 222 -11.37 -10.92 -22.05
C SER C 222 -11.65 -11.15 -23.53
N LEU C 223 -12.87 -10.79 -23.96
CA LEU C 223 -13.23 -10.91 -25.35
C LEU C 223 -12.38 -9.96 -26.20
N PHE C 224 -12.23 -8.73 -25.73
CA PHE C 224 -11.39 -7.73 -26.38
C PHE C 224 -9.94 -8.26 -26.51
N ILE C 225 -9.47 -8.92 -25.46
CA ILE C 225 -8.12 -9.48 -25.49
C ILE C 225 -7.98 -10.51 -26.61
N GLU C 226 -8.96 -11.40 -26.72
CA GLU C 226 -8.87 -12.45 -27.73
C GLU C 226 -8.98 -11.84 -29.13
N TYR C 227 -9.79 -10.79 -29.27
CA TYR C 227 -9.90 -10.13 -30.57
C TYR C 227 -8.58 -9.45 -30.96
N GLY C 228 -7.96 -8.78 -30.00
CA GLY C 228 -6.70 -8.10 -30.25
C GLY C 228 -5.58 -9.05 -30.62
N LYS C 229 -5.53 -10.19 -29.92
CA LYS C 229 -4.57 -11.24 -30.23
C LYS C 229 -4.85 -11.80 -31.63
N ALA C 230 -6.13 -11.96 -31.95
CA ALA C 230 -6.49 -12.54 -33.25
C ALA C 230 -6.14 -11.56 -34.37
N LEU C 231 -6.50 -10.29 -34.21
CA LEU C 231 -6.24 -9.30 -35.25
C LEU C 231 -4.73 -9.05 -35.39
N GLY C 232 -4.01 -9.09 -34.28
CA GLY C 232 -2.55 -9.00 -34.32
C GLY C 232 -1.94 -10.02 -35.27
N SER C 233 -2.55 -11.20 -35.35
CA SER C 233 -2.06 -12.26 -36.22
C SER C 233 -2.60 -12.17 -37.65
N SER C 234 -3.83 -11.69 -37.80
CA SER C 234 -4.48 -11.70 -39.11
C SER C 234 -4.47 -10.35 -39.84
N SER C 235 -3.99 -9.29 -39.20
CA SER C 235 -4.00 -7.95 -39.80
C SER C 235 -3.47 -7.95 -41.23
N THR C 236 -4.21 -7.30 -42.12
CA THR C 236 -3.78 -7.11 -43.50
C THR C 236 -2.78 -5.96 -43.60
N GLY C 237 -2.60 -5.24 -42.51
CA GLY C 237 -1.75 -4.06 -42.53
C GLY C 237 -2.45 -2.82 -43.03
N SER C 238 -3.78 -2.88 -43.14
CA SER C 238 -4.54 -1.68 -43.49
C SER C 238 -4.32 -0.65 -42.40
N LYS C 239 -4.68 0.60 -42.70
CA LYS C 239 -4.47 1.71 -41.78
C LYS C 239 -5.24 1.53 -40.49
N ALA C 240 -6.53 1.20 -40.62
CA ALA C 240 -7.40 0.99 -39.48
C ALA C 240 -6.96 -0.20 -38.61
N GLU C 241 -6.65 -1.33 -39.22
CA GLU C 241 -6.21 -2.48 -38.45
C GLU C 241 -4.88 -2.23 -37.74
N SER C 242 -3.98 -1.53 -38.43
CA SER C 242 -2.66 -1.30 -37.87
C SER C 242 -2.80 -0.40 -36.66
N LEU C 243 -3.67 0.59 -36.76
CA LEU C 243 -3.93 1.49 -35.63
C LEU C 243 -4.50 0.72 -34.44
N PHE C 244 -5.49 -0.12 -34.70
CA PHE C 244 -6.08 -0.90 -33.63
C PHE C 244 -5.02 -1.72 -32.91
N VAL C 245 -4.24 -2.47 -33.70
CA VAL C 245 -3.26 -3.38 -33.14
C VAL C 245 -2.21 -2.61 -32.34
N ASN C 246 -1.77 -1.48 -32.88
CA ASN C 246 -0.73 -0.67 -32.21
C ASN C 246 -1.22 -0.14 -30.87
N ILE C 247 -2.51 0.24 -30.80
CA ILE C 247 -3.11 0.67 -29.52
C ILE C 247 -3.26 -0.51 -28.57
N PHE C 248 -3.86 -1.59 -29.06
CA PHE C 248 -4.09 -2.78 -28.24
C PHE C 248 -2.81 -3.30 -27.61
N MET C 249 -1.72 -3.32 -28.40
CA MET C 249 -0.47 -3.93 -27.94
C MET C 249 0.17 -3.17 -26.79
N GLN C 250 -0.20 -1.91 -26.62
CA GLN C 250 0.35 -1.11 -25.53
C GLN C 250 -0.20 -1.54 -24.17
N ALA C 251 -1.29 -2.32 -24.18
CA ALA C 251 -1.93 -2.73 -22.93
C ALA C 251 -0.99 -3.55 -22.05
N TYR C 252 -0.18 -4.42 -22.65
CA TYR C 252 0.75 -5.26 -21.88
C TYR C 252 1.73 -4.39 -21.12
N GLY C 253 2.33 -3.43 -21.82
CA GLY C 253 3.28 -2.54 -21.17
C GLY C 253 2.61 -1.65 -20.15
N ALA C 254 1.38 -1.22 -20.45
CA ALA C 254 0.63 -0.37 -19.52
C ALA C 254 0.44 -1.05 -18.16
N GLY C 255 0.08 -2.33 -18.18
CA GLY C 255 -0.08 -3.10 -16.95
C GLY C 255 1.20 -3.28 -16.15
N GLN C 256 2.34 -3.26 -16.85
CA GLN C 256 3.63 -3.47 -16.21
C GLN C 256 4.34 -2.18 -15.83
N THR C 257 3.68 -1.05 -16.02
CA THR C 257 4.32 0.27 -15.88
C THR C 257 5.20 0.45 -14.62
N MET C 258 4.63 0.16 -13.44
CA MET C 258 5.35 0.45 -12.20
C MET C 258 6.56 -0.48 -12.06
N LEU C 259 6.47 -1.68 -12.61
CA LEU C 259 7.57 -2.62 -12.56
C LEU C 259 8.71 -2.17 -13.47
N ARG C 260 8.34 -1.66 -14.65
CA ARG C 260 9.32 -1.09 -15.58
C ARG C 260 9.98 0.11 -14.94
N TRP C 261 9.17 0.95 -14.30
CA TRP C 261 9.71 2.09 -13.56
C TRP C 261 10.68 1.66 -12.45
N GLY C 262 10.42 0.48 -11.89
CA GLY C 262 11.33 -0.11 -10.90
C GLY C 262 12.70 -0.41 -11.47
N VAL C 263 12.73 -1.01 -12.66
CA VAL C 263 14.00 -1.29 -13.35
C VAL C 263 14.70 0.01 -13.67
N ILE C 264 13.92 1.01 -14.08
CA ILE C 264 14.45 2.33 -14.40
C ILE C 264 15.15 2.96 -13.18
N ALA C 265 14.57 2.77 -12.00
CA ALA C 265 15.19 3.30 -10.78
C ALA C 265 16.58 2.67 -10.53
N ARG C 266 16.70 1.38 -10.84
CA ARG C 266 17.98 0.68 -10.71
C ARG C 266 18.95 1.11 -11.82
N SER C 267 18.45 1.26 -13.04
CA SER C 267 19.31 1.74 -14.14
C SER C 267 19.72 3.19 -13.93
N SER C 268 18.93 3.92 -13.13
CA SER C 268 19.28 5.27 -12.73
C SER C 268 20.24 5.29 -11.54
N ASN C 269 20.52 4.11 -10.99
CA ASN C 269 21.37 3.94 -9.81
C ASN C 269 20.90 4.80 -8.64
N ASN C 270 19.61 4.78 -8.39
CA ASN C 270 19.06 5.55 -7.29
C ASN C 270 19.47 4.92 -5.96
N ILE C 271 20.26 5.65 -5.17
CA ILE C 271 20.81 5.04 -3.98
C ILE C 271 19.77 4.76 -2.91
N MET C 272 18.58 5.36 -3.02
CA MET C 272 17.54 5.10 -2.02
C MET C 272 17.00 3.68 -2.14
N LEU C 273 17.35 3.01 -3.24
CA LEU C 273 17.06 1.60 -3.41
C LEU C 273 17.87 0.73 -2.43
N GLY C 274 18.83 1.35 -1.73
CA GLY C 274 19.57 0.67 -0.69
C GLY C 274 19.11 1.00 0.73
N HIS C 275 18.10 1.85 0.86
CA HIS C 275 17.59 2.20 2.18
C HIS C 275 17.16 0.94 2.92
N VAL C 276 17.47 0.86 4.22
CA VAL C 276 17.20 -0.33 5.03
C VAL C 276 15.74 -0.80 4.94
N SER C 277 14.81 0.15 4.89
CA SER C 277 13.39 -0.19 4.89
C SER C 277 12.98 -0.74 3.52
N VAL C 278 13.77 -0.42 2.50
CA VAL C 278 13.54 -0.95 1.15
C VAL C 278 14.15 -2.35 1.08
N GLN C 279 15.36 -2.52 1.61
CA GLN C 279 16.01 -3.82 1.67
C GLN C 279 15.16 -4.84 2.40
N ALA C 280 14.42 -4.37 3.39
CA ALA C 280 13.55 -5.25 4.17
C ALA C 280 12.43 -5.88 3.32
N GLU C 281 12.18 -5.30 2.14
CA GLU C 281 11.10 -5.78 1.27
C GLU C 281 11.58 -6.71 0.16
N LEU C 282 12.81 -7.20 0.30
CA LEU C 282 13.42 -8.02 -0.76
C LEU C 282 12.54 -9.21 -1.17
N LYS C 283 11.97 -9.93 -0.21
CA LYS C 283 11.15 -11.09 -0.56
C LYS C 283 9.88 -10.67 -1.31
N GLN C 284 9.31 -9.53 -0.94
CA GLN C 284 8.12 -9.03 -1.60
C GLN C 284 8.48 -8.51 -3.01
N VAL C 285 9.59 -7.81 -3.13
CA VAL C 285 10.03 -7.31 -4.44
C VAL C 285 10.37 -8.49 -5.36
N THR C 286 11.03 -9.49 -4.80
CA THR C 286 11.36 -10.70 -5.53
C THR C 286 10.09 -11.37 -6.03
N GLU C 287 9.05 -11.41 -5.19
CA GLU C 287 7.79 -12.00 -5.60
C GLU C 287 7.21 -11.29 -6.84
N VAL C 288 7.27 -9.95 -6.81
CA VAL C 288 6.78 -9.11 -7.90
C VAL C 288 7.48 -9.42 -9.21
N TYR C 289 8.81 -9.44 -9.18
CA TYR C 289 9.53 -9.61 -10.42
C TYR C 289 9.59 -11.07 -10.86
N ASP C 290 9.44 -12.00 -9.92
CA ASP C 290 9.28 -13.40 -10.32
C ASP C 290 8.04 -13.57 -11.20
N LEU C 291 6.95 -12.89 -10.83
CA LEU C 291 5.71 -12.95 -11.60
C LEU C 291 5.89 -12.54 -13.08
N VAL C 292 6.46 -11.37 -13.34
CA VAL C 292 6.57 -10.93 -14.74
C VAL C 292 7.63 -11.77 -15.47
N ARG C 293 8.67 -12.19 -14.74
CA ARG C 293 9.72 -13.00 -15.35
C ARG C 293 9.18 -14.33 -15.82
N GLU C 294 8.38 -14.96 -14.96
CA GLU C 294 7.83 -16.28 -15.25
C GLU C 294 6.69 -16.22 -16.26
N MET C 295 5.83 -15.22 -16.14
CA MET C 295 4.65 -15.11 -17.03
C MET C 295 4.95 -14.49 -18.39
N GLY C 296 5.91 -13.57 -18.43
CA GLY C 296 6.11 -12.79 -19.64
C GLY C 296 5.07 -11.70 -19.77
N PRO C 297 4.98 -11.09 -20.96
CA PRO C 297 4.15 -9.90 -21.20
C PRO C 297 2.68 -10.08 -20.80
N GLU C 298 2.19 -11.32 -20.83
CA GLU C 298 0.82 -11.63 -20.47
C GLU C 298 0.49 -11.16 -19.06
N SER C 299 1.50 -11.13 -18.20
CA SER C 299 1.34 -10.66 -16.84
C SER C 299 0.82 -9.23 -16.79
N GLY C 300 1.13 -8.43 -17.81
CA GLY C 300 0.64 -7.06 -17.87
C GLY C 300 -0.88 -6.93 -17.94
N LEU C 301 -1.56 -8.01 -18.35
CA LEU C 301 -3.02 -7.97 -18.41
C LEU C 301 -3.72 -8.34 -17.09
N LEU C 302 -2.96 -8.68 -16.06
CA LEU C 302 -3.57 -9.16 -14.80
C LEU C 302 -4.39 -8.08 -14.08
N HIS C 303 -3.94 -6.84 -14.18
CA HIS C 303 -4.66 -5.71 -13.60
C HIS C 303 -6.04 -5.59 -14.25
N LEU C 304 -6.04 -5.49 -15.57
CA LEU C 304 -7.25 -5.45 -16.40
C LEU C 304 -8.22 -6.60 -16.12
N ARG C 305 -7.68 -7.81 -16.05
CA ARG C 305 -8.48 -9.01 -15.84
C ARG C 305 -8.95 -9.12 -14.39
N GLN C 306 -8.49 -8.24 -13.51
CA GLN C 306 -8.82 -8.28 -12.08
C GLN C 306 -8.38 -9.59 -11.44
N SER C 307 -7.20 -10.07 -11.81
CA SER C 307 -6.68 -11.31 -11.27
C SER C 307 -6.29 -11.12 -9.79
N PRO C 308 -6.31 -12.22 -9.01
CA PRO C 308 -5.90 -12.15 -7.61
C PRO C 308 -4.46 -11.65 -7.43
N LYS C 309 -3.62 -11.83 -8.44
CA LYS C 309 -2.24 -11.37 -8.33
C LYS C 309 -2.04 -9.95 -8.86
N ALA C 310 -3.12 -9.27 -9.21
CA ALA C 310 -3.02 -7.94 -9.83
C ALA C 310 -2.30 -6.93 -8.92
N GLY C 311 -2.49 -7.06 -7.61
CA GLY C 311 -1.85 -6.17 -6.65
C GLY C 311 -0.35 -6.05 -6.81
N LEU C 312 0.28 -7.15 -7.17
CA LEU C 312 1.73 -7.18 -7.41
C LEU C 312 2.17 -6.17 -8.46
N LEU C 313 1.38 -6.01 -9.52
CA LEU C 313 1.72 -5.09 -10.58
C LEU C 313 1.71 -3.64 -10.11
N SER C 314 1.00 -3.37 -9.02
CA SER C 314 0.98 -2.02 -8.46
C SER C 314 1.90 -1.91 -7.25
N LEU C 315 2.77 -2.91 -7.05
CA LEU C 315 3.75 -2.91 -5.96
C LEU C 315 3.04 -2.84 -4.60
N ALA C 316 1.90 -3.51 -4.50
CA ALA C 316 1.05 -3.39 -3.30
C ALA C 316 1.71 -3.97 -2.05
N ASN C 317 2.55 -4.98 -2.24
CA ASN C 317 3.16 -5.67 -1.11
C ASN C 317 4.52 -5.07 -0.75
N CYS C 318 4.94 -4.02 -1.45
CA CYS C 318 6.25 -3.40 -1.14
C CYS C 318 6.21 -1.88 -1.25
N PRO C 319 5.57 -1.23 -0.26
CA PRO C 319 5.27 0.20 -0.28
C PRO C 319 6.51 1.10 -0.22
N ASN C 320 7.57 0.66 0.47
CA ASN C 320 8.77 1.49 0.55
C ASN C 320 9.52 1.50 -0.77
N PHE C 321 9.64 0.33 -1.39
CA PHE C 321 10.17 0.20 -2.74
C PHE C 321 9.37 1.07 -3.70
N ALA C 322 8.04 0.95 -3.62
CA ALA C 322 7.18 1.73 -4.50
C ALA C 322 7.46 3.22 -4.35
N SER C 323 7.69 3.66 -3.12
CA SER C 323 7.91 5.08 -2.85
C SER C 323 9.20 5.58 -3.54
N VAL C 324 10.23 4.74 -3.49
CA VAL C 324 11.48 5.05 -4.15
C VAL C 324 11.32 5.02 -5.67
N VAL C 325 10.59 4.03 -6.17
CA VAL C 325 10.37 3.92 -7.62
C VAL C 325 9.67 5.15 -8.17
N LEU C 326 8.60 5.57 -7.48
CA LEU C 326 7.83 6.74 -7.89
C LEU C 326 8.65 8.03 -7.76
N GLY C 327 9.36 8.18 -6.65
CA GLY C 327 10.20 9.37 -6.48
C GLY C 327 11.27 9.49 -7.56
N ASN C 328 11.90 8.37 -7.90
CA ASN C 328 12.89 8.38 -8.98
C ASN C 328 12.25 8.80 -10.28
N ALA C 329 11.07 8.25 -10.58
CA ALA C 329 10.37 8.61 -11.79
C ALA C 329 10.05 10.10 -11.80
N SER C 330 9.64 10.61 -10.65
CA SER C 330 9.32 12.03 -10.52
C SER C 330 10.57 12.86 -10.77
N GLY C 331 11.66 12.44 -10.15
CA GLY C 331 12.92 13.14 -10.29
C GLY C 331 13.45 13.18 -11.72
N LEU C 332 13.25 12.09 -12.45
CA LEU C 332 13.67 12.04 -13.85
C LEU C 332 12.78 12.87 -14.77
N GLY C 333 11.57 13.17 -14.30
CA GLY C 333 10.61 13.93 -15.06
C GLY C 333 9.70 13.11 -15.98
N ILE C 334 9.56 11.83 -15.66
CA ILE C 334 8.77 10.92 -16.49
C ILE C 334 7.45 10.51 -15.83
N ILE C 335 7.16 11.00 -14.63
CA ILE C 335 6.02 10.50 -13.87
C ILE C 335 4.73 11.17 -14.32
N GLY C 336 4.87 12.33 -14.97
CA GLY C 336 3.71 13.10 -15.39
C GLY C 336 2.88 13.55 -14.21
N MET C 337 1.56 13.47 -14.37
CA MET C 337 0.64 13.82 -13.29
C MET C 337 0.20 12.55 -12.57
N TYR C 338 0.97 12.17 -11.54
CA TYR C 338 0.69 10.95 -10.80
C TYR C 338 -0.25 11.26 -9.64
N ARG C 339 -1.40 10.61 -9.64
CA ARG C 339 -2.42 10.88 -8.65
C ARG C 339 -2.58 9.72 -7.67
N GLY C 340 -1.71 8.73 -7.76
CA GLY C 340 -1.83 7.53 -6.96
C GLY C 340 -1.20 7.72 -5.59
N ARG C 341 -1.32 6.70 -4.73
CA ARG C 341 -0.82 6.80 -3.37
C ARG C 341 0.70 6.78 -3.36
N VAL C 342 1.29 7.62 -2.53
CA VAL C 342 2.73 7.58 -2.28
C VAL C 342 2.87 7.14 -0.82
N PRO C 343 3.21 5.87 -0.58
CA PRO C 343 3.09 5.32 0.78
C PRO C 343 4.01 5.99 1.79
N ASN C 344 5.23 6.29 1.35
CA ASN C 344 6.26 6.83 2.21
C ASN C 344 6.80 8.09 1.59
N THR C 345 6.31 9.24 2.06
CA THR C 345 6.64 10.50 1.42
C THR C 345 8.10 10.89 1.61
N GLU C 346 8.69 10.53 2.76
CA GLU C 346 10.12 10.78 2.98
C GLU C 346 11.01 10.08 1.97
N LEU C 347 10.76 8.80 1.72
CA LEU C 347 11.55 8.03 0.75
C LEU C 347 11.33 8.55 -0.66
N PHE C 348 10.09 8.90 -0.96
CA PHE C 348 9.75 9.46 -2.27
C PHE C 348 10.58 10.71 -2.51
N SER C 349 10.59 11.60 -1.53
CA SER C 349 11.26 12.88 -1.69
C SER C 349 12.76 12.70 -1.80
N ALA C 350 13.33 11.81 -1.00
CA ALA C 350 14.76 11.53 -1.08
C ALA C 350 15.14 10.96 -2.44
N ALA C 351 14.38 9.97 -2.90
CA ALA C 351 14.66 9.33 -4.18
C ALA C 351 14.52 10.34 -5.32
N GLU C 352 13.54 11.23 -5.17
CA GLU C 352 13.27 12.28 -6.15
C GLU C 352 14.43 13.27 -6.19
N SER C 353 14.93 13.65 -5.02
CA SER C 353 16.06 14.56 -4.96
C SER C 353 17.27 13.96 -5.63
N TYR C 354 17.50 12.67 -5.41
CA TYR C 354 18.72 12.06 -5.92
C TYR C 354 18.68 11.97 -7.44
N ALA C 355 17.56 11.51 -7.99
CA ALA C 355 17.40 11.39 -9.44
C ALA C 355 17.56 12.75 -10.10
N LYS C 356 16.93 13.75 -9.50
CA LYS C 356 16.95 15.10 -10.04
C LYS C 356 18.39 15.63 -10.06
N SER C 357 19.17 15.33 -9.01
CA SER C 357 20.54 15.83 -8.97
C SER C 357 21.36 15.16 -10.06
N LEU C 358 21.13 13.86 -10.26
CA LEU C 358 21.82 13.14 -11.33
C LEU C 358 21.43 13.67 -12.70
N LYS C 359 20.13 13.92 -12.87
CA LYS C 359 19.64 14.46 -14.13
C LYS C 359 20.25 15.83 -14.42
N GLU C 360 20.32 16.67 -13.40
CA GLU C 360 20.81 18.04 -13.61
C GLU C 360 22.31 18.08 -13.91
N SER C 361 23.00 17.01 -13.56
CA SER C 361 24.43 16.92 -13.82
C SER C 361 24.72 16.15 -15.11
N ASN C 362 23.66 15.84 -15.85
CA ASN C 362 23.73 14.99 -17.06
C ASN C 362 24.41 13.65 -16.75
N LYS C 363 24.04 13.04 -15.63
CA LYS C 363 24.59 11.74 -15.24
C LYS C 363 23.55 10.61 -15.31
N ILE C 364 22.46 10.85 -16.04
CA ILE C 364 21.48 9.81 -16.33
C ILE C 364 21.60 9.39 -17.78
N ASN C 365 21.79 8.09 -18.04
CA ASN C 365 21.82 7.58 -19.42
C ASN C 365 20.40 7.29 -19.90
N PHE C 366 19.75 8.28 -20.50
CA PHE C 366 18.34 8.16 -20.85
C PHE C 366 18.08 7.13 -21.95
N SER C 367 19.10 6.85 -22.77
CA SER C 367 18.96 5.89 -23.85
C SER C 367 18.86 4.47 -23.30
N SER C 368 19.48 4.24 -22.15
CA SER C 368 19.58 2.91 -21.58
C SER C 368 18.44 2.56 -20.62
N LEU C 369 17.53 3.49 -20.37
CA LEU C 369 16.54 3.29 -19.31
C LEU C 369 15.37 2.41 -19.72
N GLY C 370 15.01 2.41 -21.00
CA GLY C 370 13.83 1.70 -21.42
C GLY C 370 12.57 2.54 -21.24
N LEU C 371 12.69 3.83 -21.58
CA LEU C 371 11.57 4.76 -21.53
C LEU C 371 10.65 4.57 -22.73
N THR C 372 9.38 4.92 -22.55
CA THR C 372 8.48 5.08 -23.69
C THR C 372 8.84 6.39 -24.39
N ASP C 373 8.36 6.56 -25.63
CA ASP C 373 8.63 7.79 -26.35
C ASP C 373 8.09 9.01 -25.62
N GLU C 374 6.90 8.88 -25.05
CA GLU C 374 6.29 10.00 -24.35
C GLU C 374 7.06 10.34 -23.06
N GLU C 375 7.61 9.32 -22.41
CA GLU C 375 8.42 9.54 -21.22
C GLU C 375 9.73 10.24 -21.59
N LYS C 376 10.32 9.81 -22.70
CA LYS C 376 11.57 10.41 -23.22
C LYS C 376 11.37 11.89 -23.50
N GLU C 377 10.25 12.20 -24.14
CA GLU C 377 9.90 13.57 -24.48
C GLU C 377 9.69 14.41 -23.23
N ALA C 378 8.98 13.84 -22.26
CA ALA C 378 8.72 14.55 -21.01
C ALA C 378 10.02 14.85 -20.25
N ALA C 379 10.90 13.86 -20.21
CA ALA C 379 12.15 13.97 -19.48
C ALA C 379 13.16 14.87 -20.15
N GLU C 380 13.32 14.74 -21.47
CA GLU C 380 14.41 15.41 -22.17
C GLU C 380 13.97 16.56 -23.07
N HIS C 381 12.67 16.58 -23.39
CA HIS C 381 12.07 17.62 -24.23
C HIS C 381 12.61 17.56 -25.65
N PHE C 382 12.81 16.34 -26.15
CA PHE C 382 13.09 16.07 -27.56
C PHE C 382 13.11 14.56 -27.79
N MET D 1 12.55 -4.32 -21.72
CA MET D 1 11.42 -5.16 -21.34
C MET D 1 11.90 -6.49 -20.74
N SER D 2 13.19 -6.58 -20.46
CA SER D 2 13.74 -7.75 -19.78
C SER D 2 13.88 -7.46 -18.28
N PHE D 3 13.10 -8.15 -17.47
CA PHE D 3 13.07 -7.87 -16.04
C PHE D 3 14.11 -8.68 -15.26
N PRO D 4 14.95 -7.99 -14.48
CA PRO D 4 15.90 -8.67 -13.62
C PRO D 4 15.23 -9.24 -12.36
N GLU D 5 15.99 -10.00 -11.58
CA GLU D 5 15.48 -10.52 -10.32
C GLU D 5 15.45 -9.39 -9.31
N GLY D 6 14.63 -9.53 -8.27
CA GLY D 6 14.47 -8.49 -7.25
C GLY D 6 15.76 -8.09 -6.56
N LYS D 7 16.64 -9.06 -6.35
CA LYS D 7 17.93 -8.82 -5.71
C LYS D 7 18.90 -8.04 -6.60
N ASP D 8 18.58 -7.94 -7.88
CA ASP D 8 19.41 -7.19 -8.82
C ASP D 8 18.83 -5.79 -9.03
N ILE D 9 17.69 -5.54 -8.42
CA ILE D 9 17.06 -4.23 -8.47
C ILE D 9 17.40 -3.42 -7.23
N LEU D 10 17.24 -4.03 -6.06
CA LEU D 10 17.56 -3.34 -4.81
C LEU D 10 19.08 -3.27 -4.64
N PHE D 11 19.55 -2.33 -3.83
CA PHE D 11 20.96 -2.33 -3.40
C PHE D 11 21.02 -2.95 -2.01
N MET D 12 21.61 -4.14 -1.88
CA MET D 12 21.61 -4.83 -0.59
C MET D 12 22.92 -4.61 0.16
N GLY D 13 22.90 -4.83 1.48
CA GLY D 13 24.11 -4.76 2.26
C GLY D 13 24.18 -3.56 3.18
N ASN D 14 25.01 -3.65 4.21
CA ASN D 14 25.13 -2.59 5.21
C ASN D 14 25.59 -1.27 4.59
N GLU D 15 26.58 -1.35 3.70
CA GLU D 15 27.14 -0.16 3.08
C GLU D 15 26.08 0.61 2.29
N ALA D 16 25.29 -0.12 1.51
CA ALA D 16 24.22 0.49 0.74
C ALA D 16 23.21 1.17 1.66
N ALA D 17 22.96 0.57 2.83
CA ALA D 17 22.05 1.16 3.81
C ALA D 17 22.62 2.47 4.35
N LYS D 18 23.91 2.46 4.66
CA LYS D 18 24.56 3.65 5.20
C LYS D 18 24.60 4.77 4.18
N LEU D 19 24.83 4.42 2.91
CA LEU D 19 24.89 5.43 1.85
C LEU D 19 23.57 6.16 1.72
N ALA D 20 22.48 5.41 1.68
CA ALA D 20 21.15 5.99 1.55
C ALA D 20 20.78 6.86 2.74
N GLU D 21 21.08 6.35 3.94
CA GLU D 21 20.81 7.11 5.16
C GLU D 21 21.59 8.43 5.15
N ALA D 22 22.85 8.35 4.75
CA ALA D 22 23.72 9.53 4.74
C ALA D 22 23.18 10.58 3.75
N PHE D 23 22.74 10.13 2.58
CA PHE D 23 22.19 11.07 1.61
C PHE D 23 20.94 11.73 2.15
N GLN D 24 20.06 10.92 2.72
CA GLN D 24 18.82 11.43 3.30
C GLN D 24 19.07 12.50 4.36
N LYS D 25 20.05 12.25 5.22
CA LYS D 25 20.39 13.20 6.27
C LYS D 25 20.93 14.51 5.67
N SER D 26 21.60 14.42 4.54
CA SER D 26 22.15 15.61 3.88
C SER D 26 21.05 16.55 3.40
N LEU D 27 19.86 16.03 3.18
CA LEU D 27 18.73 16.85 2.76
C LEU D 27 18.15 17.61 3.96
#